data_8HQ7
#
_entry.id   8HQ7
#
_cell.length_a   1.00
_cell.length_b   1.00
_cell.length_c   1.00
_cell.angle_alpha   90.00
_cell.angle_beta   90.00
_cell.angle_gamma   90.00
#
_symmetry.space_group_name_H-M   'P 1'
#
loop_
_entity.id
_entity.type
_entity.pdbx_description
1 polymer 'Spike protein S1'
2 polymer 'fab L5.34'
3 polymer 'fab L5.34'
4 polymer 'fab L4.65'
5 polymer 'fab L4.65'
6 branched 2-acetamido-2-deoxy-beta-D-glucopyranose-(1-4)-2-acetamido-2-deoxy-beta-D-glucopyranose
#
loop_
_entity_poly.entity_id
_entity_poly.type
_entity_poly.pdbx_seq_one_letter_code
_entity_poly.pdbx_strand_id
1 'polypeptide(L)'
;TNLCPFGEVFNATRFASVYAWNRKRISNCVADYSVLYNSASFSTFKCYGVSPTKLNDLCFTNVYADSFVIRGDEVRQIAP
GQTGKIADYNYKLPDDFTGCVIAWNSNNLDSKVGGNYNYLYRLFRKSNLKPFERDISTEIYQAGSTPCNGVEGFNCYFPL
QSYGFQPTNGVGYQPYRVVVLSFELLHAPATVCGP
;
A
2 'polypeptide(L)'
;EVQLVESGGGLVQPGGSLRLSCAASEITVSSNYMNWVRQAPGKGLEWVSVVYPGGSTFYTDSVKGRFTISRDNSKNTLYL
QMNSLRAEDTAVYYCARESGGFPLAEGAFDIWGQGTMVTVSSASTKGPSVFPLAPSSKSTSGGTAALGCLVKDYFPEPVT
VSWNSGALTSGVHTFPAVLQSSGLYSLSSVVTVPSSSLGTQTYICNVNHKPSNTKVDKRVEPKSC
;
M
3 'polypeptide(L)'
;DIQMTQSPSSLSASVGDRVSITCRASQSISTHLHWYQQKPGKAPKLLISAASTLQSGVPSRFSGSGSGTDFTLTITSLQP
EDFATYYCQQSYSTPRGLSFGGGTKVEIKRTVAAPSVFIFPPSDEQLKSGTASVVCLLNNFYPREAKVQWKVDNALQSGN
SQESVTEQDSKDSTYSLSSTLTLSKADYEKHKVYACEVTHQGLSSPVTKSFNRGEC
;
N
4 'polypeptide(L)'
;QITLKESGPTLVKPTQTLTLTCTFSGFSLSTSGVGVAWIRQPPGKALEWLALIYWDNDKRSSPSLNNRLTITKDTSKNQV
VLTMTNMDPEDTATYYCAHFFSHYDSSNYYYGSWFDPWGQGTLVTVSSASTKGPSVFPLAPSSKSTSGGTAALGCLVKDY
FPEPVTVSWNSGALTSGVHTFPAVLQSSGLYSLSSVVTVPSSSLGTQTYICNVNHKPSNTKVDKRVEPKSC
;
H
5 'polypeptide(L)'
;EIVLTQSPGTLSLSPGERATLSCRASQSFDSRYLGWYQQKSGQAPRLLIYGASSRATGIPDRFSGSGSGTDFTLTISRLE
PEDFAVYYCQQFGDSPFTFGQGTKLEIKRTVAAPSVFIFPPSDEQLKSGTASVVCLLNNFYPREAKVQWKVDNALQSGNS
QESVTEQDSKDSTYSLSSTLTLSKADYEKHKVYACEVTHQGLSSPVTKSFNRGEC
;
L
#
loop_
_chem_comp.id
_chem_comp.type
_chem_comp.name
_chem_comp.formula
NAG D-saccharide, beta linking 2-acetamido-2-deoxy-beta-D-glucopyranose 'C8 H15 N O6'
#
# COMPACT_ATOMS: atom_id res chain seq x y z
N THR A 1 -17.64 47.25 28.00
CA THR A 1 -18.06 47.50 26.62
C THR A 1 -16.90 47.38 25.66
N ASN A 2 -17.20 47.40 24.37
CA ASN A 2 -16.24 47.25 23.27
C ASN A 2 -15.18 46.20 23.61
N LEU A 3 -15.65 44.98 23.85
CA LEU A 3 -14.76 43.88 24.17
C LEU A 3 -13.82 43.58 23.01
N CYS A 4 -12.63 43.08 23.34
CA CYS A 4 -11.64 42.78 22.32
C CYS A 4 -12.16 41.67 21.41
N PRO A 5 -11.91 41.75 20.11
CA PRO A 5 -12.43 40.73 19.17
C PRO A 5 -11.58 39.46 19.14
N PHE A 6 -11.65 38.69 20.22
CA PHE A 6 -10.95 37.41 20.26
C PHE A 6 -11.67 36.33 19.48
N GLY A 7 -12.92 36.55 19.09
CA GLY A 7 -13.64 35.56 18.30
C GLY A 7 -13.21 35.52 16.85
N GLU A 8 -12.59 36.59 16.35
CA GLU A 8 -12.12 36.65 14.98
C GLU A 8 -10.73 36.05 14.81
N VAL A 9 -10.14 35.53 15.88
CA VAL A 9 -8.83 34.91 15.84
C VAL A 9 -8.92 33.42 16.14
N PHE A 10 -9.59 33.05 17.24
CA PHE A 10 -9.70 31.66 17.62
C PHE A 10 -10.73 30.91 16.77
N ASN A 11 -11.77 31.60 16.31
CA ASN A 11 -12.85 30.98 15.55
C ASN A 11 -12.79 31.33 14.07
N ALA A 12 -11.61 31.67 13.57
CA ALA A 12 -11.47 31.99 12.16
C ALA A 12 -11.77 30.76 11.31
N THR A 13 -12.39 30.99 10.15
CA THR A 13 -12.79 29.90 9.27
C THR A 13 -11.58 29.12 8.77
N ARG A 14 -10.54 29.83 8.35
CA ARG A 14 -9.32 29.19 7.85
C ARG A 14 -8.10 29.81 8.52
N PHE A 15 -7.07 28.99 8.69
CA PHE A 15 -5.81 29.41 9.28
C PHE A 15 -4.73 29.46 8.22
N ALA A 16 -3.58 30.01 8.59
CA ALA A 16 -2.45 30.15 7.69
C ALA A 16 -1.43 29.04 7.94
N SER A 17 -0.57 28.83 6.95
CA SER A 17 0.51 27.89 7.10
C SER A 17 1.63 28.49 7.95
N VAL A 18 2.48 27.61 8.49
CA VAL A 18 3.44 28.06 9.49
C VAL A 18 4.50 28.97 8.88
N TYR A 19 4.88 28.77 7.63
CA TYR A 19 5.88 29.62 7.01
C TYR A 19 5.34 30.99 6.64
N ALA A 20 4.03 31.18 6.66
CA ALA A 20 3.37 32.44 6.34
C ALA A 20 2.34 32.79 7.42
N TRP A 21 2.76 32.72 8.68
CA TRP A 21 1.85 32.84 9.80
C TRP A 21 1.14 34.20 9.80
N ASN A 22 -0.02 34.25 10.43
CA ASN A 22 -0.82 35.47 10.45
C ASN A 22 -0.59 36.25 11.73
N ARG A 23 -0.49 37.58 11.60
CA ARG A 23 -0.26 38.48 12.72
C ARG A 23 -1.40 39.49 12.80
N LYS A 24 -1.95 39.67 14.00
CA LYS A 24 -3.08 40.56 14.25
C LYS A 24 -2.77 41.46 15.43
N ARG A 25 -3.14 42.74 15.33
CA ARG A 25 -2.92 43.70 16.41
C ARG A 25 -4.19 43.87 17.21
N ILE A 26 -4.07 43.84 18.54
CA ILE A 26 -5.17 44.07 19.46
C ILE A 26 -4.84 45.31 20.28
N SER A 27 -5.72 46.31 20.20
CA SER A 27 -5.58 47.54 20.95
C SER A 27 -6.95 48.24 20.99
N ASN A 28 -7.06 49.21 21.89
CA ASN A 28 -8.27 50.02 22.02
C ASN A 28 -9.49 49.17 22.39
N CYS A 29 -9.30 48.26 23.35
CA CYS A 29 -10.39 47.40 23.77
C CYS A 29 -10.10 46.83 25.15
N VAL A 30 -11.09 46.14 25.71
CA VAL A 30 -10.99 45.49 27.01
C VAL A 30 -10.93 43.99 26.78
N ALA A 31 -9.95 43.33 27.41
CA ALA A 31 -9.66 41.92 27.15
C ALA A 31 -10.02 41.08 28.36
N ASP A 32 -10.86 40.07 28.15
CA ASP A 32 -11.24 39.12 29.19
C ASP A 32 -10.59 37.79 28.89
N TYR A 33 -9.54 37.45 29.64
CA TYR A 33 -8.82 36.20 29.46
C TYR A 33 -9.42 35.06 30.27
N SER A 34 -10.40 35.33 31.12
CA SER A 34 -11.01 34.27 31.92
C SER A 34 -11.74 33.26 31.03
N VAL A 35 -12.46 33.73 30.02
CA VAL A 35 -13.16 32.82 29.13
C VAL A 35 -12.17 31.97 28.35
N LEU A 36 -11.05 32.56 27.95
CA LEU A 36 -10.03 31.79 27.24
C LEU A 36 -9.40 30.74 28.14
N TYR A 37 -9.10 31.10 29.39
CA TYR A 37 -8.40 30.16 30.27
C TYR A 37 -9.31 29.06 30.80
N ASN A 38 -10.57 29.36 31.04
CA ASN A 38 -11.49 28.38 31.63
C ASN A 38 -12.07 27.42 30.59
N SER A 39 -11.81 27.64 29.31
CA SER A 39 -12.31 26.72 28.29
C SER A 39 -11.59 25.38 28.40
N ALA A 40 -12.35 24.30 28.18
CA ALA A 40 -11.81 22.95 28.22
C ALA A 40 -11.45 22.42 26.84
N SER A 41 -11.54 23.25 25.80
CA SER A 41 -11.28 22.82 24.45
C SER A 41 -9.80 22.90 24.07
N PHE A 42 -8.95 23.45 24.94
CA PHE A 42 -7.55 23.66 24.61
C PHE A 42 -6.70 22.54 25.17
N SER A 43 -5.91 21.90 24.30
CA SER A 43 -4.96 20.90 24.74
C SER A 43 -3.71 21.50 25.36
N THR A 44 -3.27 22.66 24.89
CA THR A 44 -2.08 23.31 25.42
C THR A 44 -2.39 24.76 25.73
N PHE A 45 -2.15 25.18 26.97
CA PHE A 45 -2.26 26.59 27.38
C PHE A 45 -1.08 26.85 28.30
N LYS A 46 0.04 27.29 27.71
CA LYS A 46 1.30 27.38 28.44
C LYS A 46 1.84 28.80 28.38
N CYS A 47 2.13 29.38 29.54
CA CYS A 47 2.83 30.64 29.59
C CYS A 47 3.69 30.93 30.82
N TYR A 48 4.69 31.78 30.57
CA TYR A 48 6.02 31.75 31.14
C TYR A 48 6.34 32.96 32.00
N GLY A 49 6.30 34.15 31.40
CA GLY A 49 6.64 35.39 32.05
C GLY A 49 5.51 36.06 32.78
N VAL A 50 4.31 35.49 32.77
CA VAL A 50 3.17 36.04 33.48
C VAL A 50 2.48 34.90 34.23
N SER A 51 1.74 35.27 35.27
CA SER A 51 0.96 34.27 35.98
C SER A 51 -0.41 34.14 35.31
N PRO A 52 -0.83 32.93 34.95
CA PRO A 52 -2.03 32.79 34.11
C PRO A 52 -3.28 33.39 34.73
N THR A 53 -3.38 33.44 36.05
CA THR A 53 -4.53 34.04 36.71
C THR A 53 -4.39 35.54 36.89
N LYS A 54 -3.23 36.12 36.61
CA LYS A 54 -2.99 37.54 36.80
C LYS A 54 -3.15 38.35 35.51
N LEU A 55 -3.53 37.70 34.40
CA LEU A 55 -3.67 38.44 33.15
C LEU A 55 -4.79 39.48 33.23
N ASN A 56 -5.80 39.24 34.07
CA ASN A 56 -6.94 40.13 34.16
C ASN A 56 -6.58 41.45 34.85
N ASP A 57 -5.45 41.51 35.53
CA ASP A 57 -5.02 42.73 36.23
C ASP A 57 -3.95 43.51 35.49
N LEU A 58 -2.99 42.83 34.85
CA LEU A 58 -1.94 43.53 34.12
C LEU A 58 -2.52 44.27 32.91
N CYS A 59 -1.98 45.45 32.64
CA CYS A 59 -2.50 46.28 31.55
C CYS A 59 -1.34 46.71 30.66
N PHE A 60 -1.47 46.43 29.36
CA PHE A 60 -0.38 46.56 28.42
C PHE A 60 -0.70 47.59 27.34
N THR A 61 0.33 47.98 26.60
CA THR A 61 0.14 48.93 25.52
C THR A 61 -0.58 48.28 24.34
N ASN A 62 -0.16 47.08 23.92
CA ASN A 62 -0.87 46.39 22.85
C ASN A 62 -0.56 44.91 22.89
N VAL A 63 -1.33 44.15 22.11
CA VAL A 63 -1.21 42.70 22.05
C VAL A 63 -1.06 42.27 20.61
N TYR A 64 -0.23 41.25 20.37
CA TYR A 64 -0.08 40.63 19.06
C TYR A 64 -0.58 39.20 19.13
N ALA A 65 -1.35 38.79 18.12
CA ALA A 65 -1.84 37.43 18.00
C ALA A 65 -1.31 36.83 16.71
N ASP A 66 -0.47 35.79 16.84
CA ASP A 66 0.09 35.09 15.69
C ASP A 66 -0.55 33.71 15.61
N SER A 67 -1.13 33.39 14.47
CA SER A 67 -1.87 32.14 14.31
C SER A 67 -1.35 31.35 13.13
N PHE A 68 -1.33 30.03 13.29
CA PHE A 68 -0.96 29.11 12.20
C PHE A 68 -1.42 27.70 12.56
N VAL A 69 -1.05 26.75 11.71
CA VAL A 69 -1.39 25.32 11.86
C VAL A 69 -0.11 24.52 11.72
N ILE A 70 0.12 23.58 12.63
CA ILE A 70 1.33 22.74 12.59
C ILE A 70 0.95 21.30 12.88
N ARG A 71 1.98 20.45 12.86
CA ARG A 71 1.86 19.05 13.21
C ARG A 71 1.74 18.88 14.72
N GLY A 72 1.11 17.79 15.14
CA GLY A 72 0.86 17.59 16.57
C GLY A 72 2.14 17.44 17.37
N ASP A 73 3.14 16.77 16.81
CA ASP A 73 4.37 16.50 17.54
C ASP A 73 5.32 17.68 17.61
N GLU A 74 5.05 18.76 16.87
CA GLU A 74 5.94 19.92 16.84
C GLU A 74 5.48 21.05 17.73
N VAL A 75 4.39 20.88 18.48
CA VAL A 75 3.91 21.93 19.37
C VAL A 75 4.95 22.23 20.45
N ARG A 76 5.73 21.22 20.83
CA ARG A 76 6.80 21.43 21.81
C ARG A 76 7.87 22.39 21.30
N GLN A 77 7.95 22.62 20.00
CA GLN A 77 8.94 23.54 19.46
C GLN A 77 8.53 25.00 19.58
N ILE A 78 7.27 25.29 19.86
CA ILE A 78 6.80 26.67 20.04
C ILE A 78 6.99 26.99 21.51
N ALA A 79 8.22 27.37 21.86
CA ALA A 79 8.62 27.67 23.22
C ALA A 79 9.98 28.34 23.20
N PRO A 80 10.30 29.21 24.17
CA PRO A 80 11.62 29.84 24.18
C PRO A 80 12.73 28.81 24.36
N GLY A 81 13.81 29.00 23.60
CA GLY A 81 14.99 28.17 23.72
C GLY A 81 14.93 26.82 23.03
N GLN A 82 13.98 26.60 22.13
CA GLN A 82 13.84 25.32 21.45
C GLN A 82 14.59 25.33 20.12
N THR A 83 14.82 24.12 19.60
CA THR A 83 15.47 23.94 18.31
C THR A 83 14.71 22.90 17.49
N GLY A 84 14.83 23.00 16.18
CA GLY A 84 14.11 22.15 15.27
C GLY A 84 13.83 22.87 13.98
N LYS A 85 13.20 22.15 13.05
CA LYS A 85 12.90 22.74 11.75
C LYS A 85 11.94 23.92 11.89
N ILE A 86 10.86 23.74 12.67
CA ILE A 86 9.89 24.81 12.85
C ILE A 86 10.52 25.99 13.59
N ALA A 87 11.29 25.71 14.64
CA ALA A 87 11.84 26.80 15.45
C ALA A 87 12.95 27.53 14.72
N ASP A 88 13.67 26.86 13.82
CA ASP A 88 14.81 27.46 13.15
C ASP A 88 14.45 28.14 11.82
N TYR A 89 13.50 27.58 11.07
CA TYR A 89 13.24 28.08 9.72
C TYR A 89 11.82 28.56 9.50
N ASN A 90 10.90 28.38 10.45
CA ASN A 90 9.52 28.79 10.26
C ASN A 90 9.06 29.84 11.25
N TYR A 91 9.23 29.62 12.55
CA TYR A 91 8.72 30.54 13.56
C TYR A 91 9.60 30.46 14.80
N LYS A 92 10.24 31.57 15.13
CA LYS A 92 11.19 31.63 16.24
C LYS A 92 10.67 32.59 17.30
N LEU A 93 10.71 32.16 18.56
CA LEU A 93 10.35 32.94 19.74
C LEU A 93 11.60 33.41 20.46
N PRO A 94 11.59 34.63 21.02
CA PRO A 94 12.75 35.12 21.75
C PRO A 94 12.91 34.43 23.09
N ASP A 95 14.14 34.47 23.61
CA ASP A 95 14.44 33.83 24.88
C ASP A 95 13.81 34.56 26.06
N ASP A 96 13.56 35.86 25.93
CA ASP A 96 12.91 36.66 26.96
C ASP A 96 11.43 36.84 26.67
N PHE A 97 10.79 35.82 26.13
CA PHE A 97 9.42 35.92 25.66
C PHE A 97 8.46 36.24 26.79
N THR A 98 7.55 37.18 26.52
CA THR A 98 6.41 37.44 27.40
C THR A 98 5.13 37.31 26.57
N GLY A 99 4.11 36.72 27.16
CA GLY A 99 2.94 36.27 26.43
C GLY A 99 2.80 34.76 26.56
N CYS A 100 1.87 34.18 25.80
CA CYS A 100 1.70 32.74 25.92
C CYS A 100 0.94 32.09 24.78
N VAL A 101 0.97 30.75 24.81
CA VAL A 101 0.74 29.90 23.65
C VAL A 101 -0.47 29.02 23.95
N ILE A 102 -1.38 28.94 22.98
CA ILE A 102 -2.58 28.13 23.06
C ILE A 102 -2.63 27.26 21.80
N ALA A 103 -2.95 25.99 21.99
CA ALA A 103 -2.96 25.06 20.87
C ALA A 103 -4.05 24.01 21.11
N TRP A 104 -4.77 23.67 20.05
CA TRP A 104 -5.82 22.67 20.17
C TRP A 104 -5.92 21.82 18.91
N ASN A 105 -6.40 20.60 19.08
CA ASN A 105 -6.52 19.64 17.99
C ASN A 105 -7.67 20.02 17.08
N SER A 106 -7.43 19.99 15.78
CA SER A 106 -8.42 20.35 14.77
C SER A 106 -8.45 19.31 13.66
N ASN A 107 -8.50 18.03 14.04
CA ASN A 107 -8.49 16.96 13.06
C ASN A 107 -9.77 16.95 12.22
N ASN A 108 -10.89 17.31 12.82
CA ASN A 108 -12.17 17.27 12.09
C ASN A 108 -12.27 18.38 11.05
N LEU A 109 -11.47 19.43 11.15
CA LEU A 109 -11.56 20.57 10.24
C LEU A 109 -10.47 20.58 9.19
N ASP A 110 -9.26 20.14 9.52
CA ASP A 110 -8.12 20.30 8.63
C ASP A 110 -7.69 19.01 7.95
N SER A 111 -8.41 17.91 8.14
CA SER A 111 -8.12 16.66 7.46
C SER A 111 -9.19 16.36 6.43
N LYS A 112 -8.79 15.86 5.28
CA LYS A 112 -9.69 15.46 4.22
C LYS A 112 -9.52 13.97 3.95
N VAL A 113 -10.61 13.33 3.53
CA VAL A 113 -10.63 11.88 3.44
C VAL A 113 -9.62 11.38 2.40
N GLY A 114 -9.28 12.19 1.42
CA GLY A 114 -8.26 11.86 0.46
C GLY A 114 -6.90 12.45 0.75
N GLY A 115 -6.76 13.22 1.83
CA GLY A 115 -5.52 13.88 2.15
C GLY A 115 -5.57 15.37 1.90
N ASN A 116 -5.15 16.16 2.89
CA ASN A 116 -5.10 17.61 2.75
C ASN A 116 -3.64 18.03 2.55
N TYR A 117 -3.38 18.73 1.45
CA TYR A 117 -2.01 19.13 1.10
C TYR A 117 -1.89 20.65 0.96
N ASN A 118 -2.76 21.41 1.61
CA ASN A 118 -2.76 22.86 1.50
C ASN A 118 -1.86 23.56 2.50
N TYR A 119 -1.29 22.82 3.45
CA TYR A 119 -0.45 23.41 4.49
C TYR A 119 1.01 23.10 4.22
N LEU A 120 1.85 24.13 4.24
CA LEU A 120 3.23 24.03 3.85
C LEU A 120 4.14 24.46 4.99
N TYR A 121 5.39 24.02 4.91
CA TYR A 121 6.44 24.46 5.83
C TYR A 121 7.76 24.51 5.07
N ARG A 122 8.65 25.37 5.54
CA ARG A 122 9.97 25.50 4.92
C ARG A 122 10.91 24.43 5.45
N LEU A 123 11.63 23.79 4.54
CA LEU A 123 12.58 22.74 4.89
C LEU A 123 14.03 23.13 4.66
N PHE A 124 14.32 23.97 3.66
CA PHE A 124 15.68 24.34 3.29
C PHE A 124 15.89 25.82 3.53
N ARG A 125 16.92 26.17 4.29
CA ARG A 125 17.26 27.57 4.53
C ARG A 125 18.71 27.65 4.97
N LYS A 126 19.41 28.68 4.49
CA LYS A 126 20.86 28.77 4.73
C LYS A 126 21.17 29.10 6.18
N SER A 127 20.35 29.92 6.84
CA SER A 127 20.63 30.37 8.18
C SER A 127 19.36 30.40 9.01
N ASN A 128 19.54 30.49 10.32
CA ASN A 128 18.42 30.53 11.25
C ASN A 128 17.69 31.87 11.15
N LEU A 129 16.44 31.86 11.57
CA LEU A 129 15.61 33.06 11.58
C LEU A 129 15.83 33.85 12.87
N LYS A 130 15.77 35.18 12.73
CA LYS A 130 15.70 36.03 13.91
C LYS A 130 14.32 35.92 14.53
N PRO A 131 14.19 36.24 15.82
CA PRO A 131 12.87 36.15 16.46
C PRO A 131 11.84 37.03 15.77
N PHE A 132 10.64 36.48 15.60
CA PHE A 132 9.51 37.17 14.98
C PHE A 132 9.85 37.66 13.57
N GLU A 133 10.53 36.82 12.80
CA GLU A 133 10.88 37.12 11.42
C GLU A 133 10.13 36.19 10.48
N ARG A 134 9.60 36.74 9.40
CA ARG A 134 8.86 35.97 8.40
C ARG A 134 9.65 35.91 7.11
N ASP A 135 9.54 34.78 6.41
CA ASP A 135 10.23 34.56 5.14
C ASP A 135 9.27 33.83 4.21
N ILE A 136 8.86 34.49 3.13
CA ILE A 136 7.93 33.90 2.17
C ILE A 136 8.57 33.75 0.80
N SER A 137 9.91 33.83 0.72
CA SER A 137 10.60 33.64 -0.54
C SER A 137 10.47 32.20 -1.00
N THR A 138 10.25 32.01 -2.31
CA THR A 138 10.08 30.70 -2.91
C THR A 138 11.04 30.50 -4.07
N GLU A 139 12.30 30.85 -3.86
CA GLU A 139 13.33 30.66 -4.88
C GLU A 139 14.00 29.30 -4.71
N ILE A 140 14.52 28.78 -5.82
CA ILE A 140 15.06 27.42 -5.83
C ILE A 140 16.31 27.36 -4.96
N TYR A 141 16.38 26.34 -4.11
CA TYR A 141 17.45 26.20 -3.13
C TYR A 141 18.60 25.39 -3.74
N GLN A 142 19.79 25.94 -3.69
CA GLN A 142 20.98 25.33 -4.28
C GLN A 142 21.76 24.59 -3.20
N ALA A 143 21.91 23.27 -3.38
CA ALA A 143 22.57 22.42 -2.39
C ALA A 143 23.93 21.92 -2.85
N GLY A 144 24.43 22.41 -3.99
CA GLY A 144 25.70 21.97 -4.54
C GLY A 144 26.58 23.15 -4.90
N SER A 145 27.51 22.88 -5.82
CA SER A 145 28.43 23.91 -6.29
C SER A 145 28.04 24.50 -7.64
N THR A 146 27.32 23.75 -8.47
CA THR A 146 26.91 24.24 -9.78
C THR A 146 25.61 25.02 -9.66
N PRO A 147 25.58 26.30 -10.01
CA PRO A 147 24.36 27.09 -9.84
C PRO A 147 23.30 26.78 -10.89
N CYS A 148 22.14 26.32 -10.46
CA CYS A 148 21.01 26.16 -11.36
C CYS A 148 20.32 27.50 -11.58
N ASN A 149 19.74 27.66 -12.77
CA ASN A 149 19.19 28.94 -13.21
C ASN A 149 17.68 29.01 -13.05
N GLY A 150 17.13 28.42 -11.99
CA GLY A 150 15.71 28.44 -11.74
C GLY A 150 14.97 27.19 -12.13
N VAL A 151 15.67 26.14 -12.58
CA VAL A 151 15.06 24.88 -12.95
C VAL A 151 15.39 23.85 -11.88
N GLU A 152 14.38 23.10 -11.45
CA GLU A 152 14.57 22.09 -10.43
C GLU A 152 15.35 20.91 -10.99
N GLY A 153 16.06 20.21 -10.11
CA GLY A 153 16.88 19.10 -10.53
C GLY A 153 17.45 18.27 -9.39
N PHE A 154 18.66 17.73 -9.59
CA PHE A 154 19.25 16.83 -8.62
C PHE A 154 19.58 17.55 -7.31
N ASN A 155 20.28 18.68 -7.40
CA ASN A 155 20.73 19.40 -6.21
C ASN A 155 20.08 20.78 -6.11
N CYS A 156 18.90 20.94 -6.69
CA CYS A 156 18.15 22.20 -6.64
C CYS A 156 16.70 21.89 -6.36
N TYR A 157 16.23 22.29 -5.18
CA TYR A 157 14.92 21.88 -4.69
C TYR A 157 14.05 23.10 -4.40
N PHE A 158 12.75 22.91 -4.58
CA PHE A 158 11.79 23.88 -4.08
C PHE A 158 11.77 23.80 -2.55
N PRO A 159 11.92 24.92 -1.85
CA PRO A 159 12.18 24.87 -0.40
C PRO A 159 10.96 24.66 0.48
N LEU A 160 9.75 24.58 -0.07
CA LEU A 160 8.54 24.40 0.71
C LEU A 160 7.97 23.00 0.50
N GLN A 161 7.57 22.35 1.59
CA GLN A 161 7.02 21.00 1.54
C GLN A 161 5.68 20.97 2.23
N SER A 162 4.81 20.08 1.78
CA SER A 162 3.43 20.03 2.23
C SER A 162 3.24 18.95 3.29
N TYR A 163 2.35 19.24 4.24
CA TYR A 163 1.92 18.24 5.21
C TYR A 163 1.00 17.23 4.54
N GLY A 164 0.83 16.09 5.19
CA GLY A 164 -0.01 15.03 4.66
C GLY A 164 -1.20 14.70 5.53
N PHE A 165 -1.89 15.72 6.01
CA PHE A 165 -2.95 15.54 7.01
C PHE A 165 -4.06 14.65 6.46
N GLN A 166 -4.45 13.66 7.25
CA GLN A 166 -5.35 12.59 6.84
C GLN A 166 -6.06 12.08 8.10
N PRO A 167 -7.36 11.84 8.03
CA PRO A 167 -8.13 11.59 9.26
C PRO A 167 -7.72 10.36 10.04
N THR A 168 -7.06 9.38 9.41
CA THR A 168 -6.66 8.17 10.11
C THR A 168 -5.25 8.27 10.69
N ASN A 169 -4.59 9.41 10.57
CA ASN A 169 -3.26 9.58 11.16
C ASN A 169 -3.34 9.48 12.67
N GLY A 170 -2.28 8.94 13.27
CA GLY A 170 -2.23 8.86 14.71
C GLY A 170 -1.97 10.21 15.35
N VAL A 171 -2.30 10.30 16.64
CA VAL A 171 -2.09 11.53 17.39
C VAL A 171 -0.58 11.80 17.42
N GLY A 172 -0.17 12.89 16.79
CA GLY A 172 1.23 13.18 16.61
C GLY A 172 1.49 13.66 15.21
N TYR A 173 0.68 13.18 14.26
CA TYR A 173 0.72 13.67 12.88
C TYR A 173 -0.64 14.23 12.46
N GLN A 174 -1.47 14.62 13.42
CA GLN A 174 -2.74 15.27 13.18
C GLN A 174 -2.59 16.79 13.31
N PRO A 175 -3.39 17.56 12.57
CA PRO A 175 -3.20 19.02 12.59
C PRO A 175 -3.56 19.61 13.94
N TYR A 176 -2.83 20.69 14.29
CA TYR A 176 -3.09 21.45 15.50
C TYR A 176 -3.09 22.93 15.17
N ARG A 177 -4.11 23.64 15.66
CA ARG A 177 -4.20 25.08 15.48
C ARG A 177 -3.53 25.76 16.65
N VAL A 178 -2.68 26.75 16.36
CA VAL A 178 -1.83 27.40 17.35
C VAL A 178 -2.02 28.90 17.26
N VAL A 179 -2.25 29.53 18.43
CA VAL A 179 -2.32 30.98 18.59
C VAL A 179 -1.32 31.39 19.67
N VAL A 180 -0.48 32.36 19.36
CA VAL A 180 0.54 32.87 20.26
C VAL A 180 0.23 34.34 20.55
N LEU A 181 0.11 34.69 21.82
CA LEU A 181 -0.17 36.06 22.25
C LEU A 181 1.10 36.68 22.79
N SER A 182 1.43 37.87 22.32
CA SER A 182 2.59 38.63 22.79
C SER A 182 2.11 39.95 23.34
N PHE A 183 2.54 40.27 24.57
CA PHE A 183 2.13 41.50 25.26
C PHE A 183 3.25 42.51 25.22
N GLU A 184 2.96 43.71 24.73
CA GLU A 184 3.93 44.80 24.74
C GLU A 184 3.43 45.91 25.64
N LEU A 185 4.24 46.23 26.66
CA LEU A 185 4.02 47.37 27.54
C LEU A 185 5.13 48.37 27.23
N LEU A 186 4.77 49.46 26.58
CA LEU A 186 5.72 50.45 26.12
C LEU A 186 5.57 51.72 26.96
N HIS A 187 6.38 52.73 26.63
CA HIS A 187 6.29 54.01 27.31
C HIS A 187 4.97 54.73 27.01
N ALA A 188 4.29 54.35 25.94
CA ALA A 188 3.00 54.93 25.61
C ALA A 188 1.96 54.49 26.63
N PRO A 189 0.86 55.23 26.75
CA PRO A 189 -0.19 54.84 27.71
C PRO A 189 -0.72 53.45 27.43
N ALA A 190 -0.95 52.70 28.51
CA ALA A 190 -1.46 51.34 28.38
C ALA A 190 -2.87 51.37 27.83
N THR A 191 -3.21 50.38 27.00
CA THR A 191 -4.46 50.41 26.27
C THR A 191 -5.29 49.14 26.42
N VAL A 192 -4.63 47.98 26.56
CA VAL A 192 -5.30 46.69 26.58
C VAL A 192 -5.24 46.15 28.00
N CYS A 193 -6.40 45.99 28.62
CA CYS A 193 -6.52 45.38 29.95
C CYS A 193 -7.99 45.21 30.29
N GLY A 194 -8.26 44.22 31.14
CA GLY A 194 -9.60 43.80 31.44
C GLY A 194 -10.22 44.52 32.62
N PRO A 195 -11.47 44.16 32.96
CA PRO A 195 -12.22 44.76 34.06
C PRO A 195 -11.59 44.48 35.42
N GLU B 1 30.53 15.24 -9.69
CA GLU B 1 31.38 14.30 -8.97
C GLU B 1 31.05 14.29 -7.47
N VAL B 2 29.79 14.00 -7.15
CA VAL B 2 29.38 13.94 -5.76
C VAL B 2 30.16 12.84 -5.05
N GLN B 3 30.87 13.20 -3.98
CA GLN B 3 31.71 12.21 -3.34
C GLN B 3 31.90 12.56 -1.87
N LEU B 4 31.94 11.52 -1.03
CA LEU B 4 32.22 11.65 0.39
C LEU B 4 33.32 10.67 0.75
N VAL B 5 34.37 11.17 1.43
CA VAL B 5 35.51 10.34 1.79
C VAL B 5 35.77 10.48 3.28
N GLU B 6 35.77 9.34 4.00
CA GLU B 6 36.04 9.34 5.43
C GLU B 6 37.51 9.05 5.71
N SER B 7 37.95 9.48 6.89
CA SER B 7 39.32 9.23 7.33
C SER B 7 39.40 9.40 8.84
N GLY B 8 40.43 8.80 9.43
CA GLY B 8 40.76 9.03 10.83
C GLY B 8 40.44 7.90 11.78
N GLY B 9 39.96 6.76 11.29
CA GLY B 9 39.68 5.64 12.17
C GLY B 9 40.95 4.94 12.63
N GLY B 10 40.79 4.05 13.60
CA GLY B 10 41.95 3.36 14.13
C GLY B 10 41.64 2.67 15.45
N LEU B 11 42.70 2.29 16.15
CA LEU B 11 42.61 1.55 17.41
C LEU B 11 42.96 2.47 18.57
N VAL B 12 42.10 2.49 19.58
CA VAL B 12 42.34 3.28 20.79
C VAL B 12 42.06 2.43 22.02
N GLN B 13 42.71 2.78 23.12
CA GLN B 13 42.43 2.20 24.42
C GLN B 13 41.09 2.70 24.95
N PRO B 14 40.43 1.93 25.81
CA PRO B 14 39.21 2.43 26.46
C PRO B 14 39.49 3.72 27.21
N GLY B 15 38.58 4.68 27.07
CA GLY B 15 38.80 6.01 27.60
C GLY B 15 39.60 6.93 26.71
N GLY B 16 40.00 6.48 25.52
CA GLY B 16 40.74 7.31 24.60
C GLY B 16 39.84 8.21 23.78
N SER B 17 40.47 9.02 22.93
CA SER B 17 39.78 9.99 22.12
C SER B 17 40.23 9.88 20.66
N LEU B 18 39.34 10.26 19.75
CA LEU B 18 39.59 10.09 18.32
C LEU B 18 38.88 11.20 17.57
N ARG B 19 39.33 11.44 16.35
CA ARG B 19 38.74 12.46 15.48
C ARG B 19 38.58 11.88 14.09
N LEU B 20 37.35 11.93 13.57
CA LEU B 20 37.05 11.44 12.23
C LEU B 20 36.72 12.62 11.32
N SER B 21 37.18 12.54 10.08
CA SER B 21 36.95 13.58 9.08
C SER B 21 36.21 13.01 7.88
N CYS B 22 35.37 13.84 7.27
CA CYS B 22 34.61 13.48 6.08
C CYS B 22 34.74 14.64 5.10
N ALA B 23 35.51 14.42 4.04
CA ALA B 23 35.70 15.42 3.00
C ALA B 23 34.67 15.23 1.90
N ALA B 24 34.01 16.31 1.51
CA ALA B 24 32.93 16.28 0.54
C ALA B 24 33.39 16.92 -0.76
N SER B 25 32.77 16.48 -1.86
CA SER B 25 33.05 17.02 -3.18
C SER B 25 31.75 17.13 -3.95
N GLU B 26 31.52 18.32 -4.51
CA GLU B 26 30.39 18.77 -5.33
C GLU B 26 29.15 19.07 -4.47
N ILE B 27 29.14 18.72 -3.19
CA ILE B 27 28.04 19.09 -2.30
C ILE B 27 28.61 19.94 -1.18
N THR B 28 27.85 20.94 -0.75
CA THR B 28 28.31 21.88 0.27
C THR B 28 27.85 21.42 1.64
N VAL B 29 28.82 21.22 2.54
CA VAL B 29 28.52 20.69 3.87
C VAL B 29 27.65 21.66 4.64
N SER B 30 27.91 22.96 4.53
CA SER B 30 27.17 23.98 5.26
C SER B 30 25.76 24.17 4.75
N SER B 31 25.38 23.52 3.66
CA SER B 31 24.07 23.71 3.05
C SER B 31 23.17 22.48 3.13
N ASN B 32 23.63 21.39 3.73
CA ASN B 32 22.88 20.14 3.77
C ASN B 32 22.76 19.63 5.19
N TYR B 33 21.84 18.69 5.38
CA TYR B 33 21.75 17.93 6.63
C TYR B 33 22.77 16.81 6.59
N MET B 34 23.75 16.84 7.49
CA MET B 34 24.85 15.88 7.45
C MET B 34 24.80 14.98 8.68
N ASN B 35 24.94 13.67 8.47
CA ASN B 35 24.77 12.70 9.54
C ASN B 35 25.97 11.78 9.65
N TRP B 36 26.20 11.29 10.85
CA TRP B 36 27.10 10.19 11.12
C TRP B 36 26.29 8.99 11.56
N VAL B 37 26.53 7.84 10.92
CA VAL B 37 25.80 6.60 11.16
C VAL B 37 26.82 5.47 11.32
N ARG B 38 26.66 4.64 12.34
CA ARG B 38 27.62 3.57 12.57
C ARG B 38 26.95 2.20 12.43
N GLN B 39 27.79 1.21 12.10
CA GLN B 39 27.35 -0.17 11.99
C GLN B 39 28.35 -1.07 12.69
N ALA B 40 27.88 -1.83 13.67
CA ALA B 40 28.73 -2.77 14.39
C ALA B 40 29.01 -4.00 13.53
N PRO B 41 30.13 -4.69 13.77
CA PRO B 41 30.47 -5.86 12.95
C PRO B 41 29.45 -6.98 13.06
N GLY B 42 28.74 -7.26 11.97
CA GLY B 42 27.72 -8.29 11.96
C GLY B 42 26.34 -7.83 12.38
N LYS B 43 26.20 -6.60 12.85
CA LYS B 43 24.93 -6.07 13.33
C LYS B 43 24.31 -5.15 12.29
N GLY B 44 23.21 -4.49 12.68
CA GLY B 44 22.52 -3.57 11.78
C GLY B 44 23.01 -2.15 11.91
N LEU B 45 22.37 -1.26 11.16
CA LEU B 45 22.73 0.14 11.14
C LEU B 45 22.14 0.88 12.34
N GLU B 46 22.80 1.96 12.75
CA GLU B 46 22.36 2.73 13.90
C GLU B 46 22.73 4.19 13.70
N TRP B 47 21.75 5.07 13.86
CA TRP B 47 22.00 6.50 13.73
C TRP B 47 22.78 7.03 14.92
N VAL B 48 23.74 7.91 14.66
CA VAL B 48 24.59 8.49 15.69
C VAL B 48 24.33 9.97 15.88
N SER B 49 24.53 10.78 14.83
CA SER B 49 24.46 12.22 15.05
C SER B 49 24.08 12.95 13.76
N VAL B 50 23.57 14.17 13.92
CA VAL B 50 23.17 15.00 12.78
C VAL B 50 23.49 16.46 13.05
N VAL B 51 23.85 17.17 11.98
CA VAL B 51 24.04 18.63 12.00
C VAL B 51 23.19 19.24 10.88
N TYR B 52 22.47 20.31 11.21
CA TYR B 52 21.55 21.02 10.34
C TYR B 52 22.28 22.02 9.47
N PRO B 53 21.66 22.48 8.38
CA PRO B 53 22.28 23.55 7.59
C PRO B 53 22.46 24.85 8.36
N GLY B 54 21.55 25.15 9.30
CA GLY B 54 21.65 26.36 10.09
C GLY B 54 22.56 26.27 11.30
N GLY B 55 22.95 25.07 11.70
CA GLY B 55 23.91 24.88 12.78
C GLY B 55 23.43 24.04 13.93
N SER B 56 22.15 23.68 14.02
CA SER B 56 21.68 22.87 15.14
C SER B 56 22.23 21.45 15.03
N THR B 57 22.51 20.86 16.19
CA THR B 57 23.09 19.52 16.26
C THR B 57 22.25 18.63 17.17
N PHE B 58 22.18 17.36 16.81
CA PHE B 58 21.43 16.38 17.60
C PHE B 58 22.23 15.09 17.70
N TYR B 59 22.11 14.43 18.86
CA TYR B 59 22.83 13.20 19.17
C TYR B 59 21.86 12.17 19.72
N THR B 60 22.20 10.90 19.54
CA THR B 60 21.47 9.83 20.18
C THR B 60 21.86 9.72 21.66
N ASP B 61 21.01 9.06 22.44
CA ASP B 61 21.19 9.04 23.89
C ASP B 61 22.46 8.32 24.31
N SER B 62 22.91 7.33 23.52
CA SER B 62 24.05 6.53 23.94
C SER B 62 25.33 7.35 23.96
N VAL B 63 25.45 8.33 23.07
CA VAL B 63 26.69 9.08 22.88
C VAL B 63 26.60 10.51 23.38
N LYS B 64 25.46 10.91 23.94
CA LYS B 64 25.29 12.30 24.35
C LYS B 64 26.26 12.65 25.47
N GLY B 65 26.94 13.79 25.32
CA GLY B 65 27.93 14.23 26.28
C GLY B 65 29.33 13.76 26.01
N ARG B 66 29.54 12.85 25.05
CA ARG B 66 30.86 12.37 24.72
C ARG B 66 31.28 12.65 23.29
N PHE B 67 30.34 12.80 22.37
CA PHE B 67 30.63 13.03 20.96
C PHE B 67 30.28 14.47 20.60
N THR B 68 31.03 15.02 19.65
CA THR B 68 30.78 16.38 19.18
C THR B 68 30.94 16.45 17.67
N ILE B 69 29.94 17.00 16.98
CA ILE B 69 29.92 17.08 15.53
C ILE B 69 30.17 18.53 15.13
N SER B 70 31.02 18.72 14.11
CA SER B 70 31.45 20.04 13.70
C SER B 70 31.63 20.10 12.20
N ARG B 71 31.73 21.32 11.69
CA ARG B 71 31.90 21.55 10.25
C ARG B 71 33.11 22.46 10.02
N ASP B 72 33.54 22.52 8.76
CA ASP B 72 34.60 23.44 8.35
C ASP B 72 34.29 23.88 6.93
N ASN B 73 34.10 25.19 6.76
CA ASN B 73 33.65 25.71 5.48
C ASN B 73 34.80 25.98 4.51
N SER B 74 35.98 26.32 5.04
CA SER B 74 37.13 26.54 4.17
C SER B 74 37.53 25.25 3.46
N LYS B 75 37.57 24.14 4.20
CA LYS B 75 37.97 22.85 3.65
C LYS B 75 36.79 22.01 3.20
N ASN B 76 35.56 22.46 3.44
CA ASN B 76 34.35 21.72 3.10
C ASN B 76 34.37 20.33 3.73
N THR B 77 34.56 20.28 5.04
CA THR B 77 34.71 19.02 5.75
C THR B 77 33.76 18.92 6.93
N LEU B 78 33.51 17.69 7.33
CA LEU B 78 32.72 17.37 8.52
C LEU B 78 33.62 16.65 9.52
N TYR B 79 33.41 16.89 10.80
CA TYR B 79 34.27 16.36 11.87
C TYR B 79 33.45 15.72 12.96
N LEU B 80 33.94 14.60 13.48
CA LEU B 80 33.36 13.95 14.66
C LEU B 80 34.46 13.75 15.69
N GLN B 81 34.34 14.41 16.83
CA GLN B 81 35.26 14.26 17.94
C GLN B 81 34.65 13.31 18.96
N MET B 82 35.38 12.26 19.30
CA MET B 82 34.88 11.21 20.18
C MET B 82 35.76 11.15 21.42
N ASN B 83 35.14 11.21 22.59
CA ASN B 83 35.86 11.23 23.86
C ASN B 83 35.30 10.14 24.77
N SER B 84 36.16 9.63 25.63
CA SER B 84 35.81 8.57 26.57
C SER B 84 35.23 7.36 25.84
N LEU B 85 35.99 6.87 24.85
CA LEU B 85 35.53 5.75 24.04
C LEU B 85 35.48 4.47 24.87
N ARG B 86 34.57 3.58 24.49
CA ARG B 86 34.37 2.32 25.18
C ARG B 86 34.21 1.21 24.16
N ALA B 87 34.26 -0.04 24.65
CA ALA B 87 34.28 -1.18 23.75
C ALA B 87 33.03 -1.27 22.88
N GLU B 88 31.91 -0.71 23.34
CA GLU B 88 30.68 -0.73 22.58
C GLU B 88 30.71 0.22 21.38
N ASP B 89 31.72 1.07 21.27
CA ASP B 89 31.84 1.99 20.16
C ASP B 89 32.67 1.45 19.00
N THR B 90 33.08 0.18 19.07
CA THR B 90 33.81 -0.44 17.98
C THR B 90 32.86 -0.71 16.81
N ALA B 91 33.11 -0.09 15.67
CA ALA B 91 32.17 -0.17 14.56
C ALA B 91 32.82 0.38 13.30
N VAL B 92 32.00 0.50 12.25
CA VAL B 92 32.36 1.21 11.03
C VAL B 92 31.46 2.44 10.93
N TYR B 93 32.07 3.60 10.76
CA TYR B 93 31.34 4.87 10.75
C TYR B 93 31.23 5.39 9.32
N TYR B 94 30.04 5.87 8.99
CA TYR B 94 29.69 6.41 7.69
C TYR B 94 29.26 7.86 7.83
N CYS B 95 29.71 8.68 6.89
CA CYS B 95 29.27 10.06 6.73
C CYS B 95 28.22 10.07 5.62
N ALA B 96 27.04 10.63 5.91
CA ALA B 96 25.92 10.53 4.98
C ALA B 96 25.22 11.87 4.83
N ARG B 97 24.58 12.06 3.68
CA ARG B 97 23.78 13.24 3.38
C ARG B 97 22.31 12.88 3.47
N GLU B 98 21.52 13.74 4.11
CA GLU B 98 20.11 13.46 4.33
C GLU B 98 19.24 14.40 3.50
N SER B 99 18.09 13.88 3.06
CA SER B 99 17.08 14.63 2.32
C SER B 99 17.62 15.17 1.00
N GLY B 100 18.00 14.25 0.13
CA GLY B 100 18.42 14.59 -1.22
C GLY B 100 17.66 13.79 -2.25
N GLY B 101 18.36 13.26 -3.25
CA GLY B 101 17.73 12.48 -4.29
C GLY B 101 17.02 13.33 -5.33
N PHE B 102 16.86 12.82 -6.55
CA PHE B 102 16.18 13.62 -7.58
C PHE B 102 14.72 13.87 -7.24
N PRO B 103 13.91 12.89 -6.85
CA PRO B 103 12.54 13.18 -6.41
C PRO B 103 12.43 13.75 -5.00
N LEU B 104 13.53 14.20 -4.40
CA LEU B 104 13.55 14.82 -3.08
C LEU B 104 12.99 13.87 -2.02
N ALA B 105 13.76 12.81 -1.77
CA ALA B 105 13.46 11.88 -0.69
C ALA B 105 13.74 12.54 0.65
N GLU B 106 12.70 13.04 1.31
CA GLU B 106 12.85 13.67 2.60
C GLU B 106 13.03 12.64 3.70
N GLY B 107 14.03 12.85 4.55
CA GLY B 107 14.30 11.95 5.65
C GLY B 107 15.12 10.73 5.30
N ALA B 108 15.61 10.62 4.08
CA ALA B 108 16.35 9.47 3.62
C ALA B 108 17.77 9.86 3.26
N PHE B 109 18.70 8.92 3.45
CA PHE B 109 20.10 9.13 3.12
C PHE B 109 20.34 8.62 1.70
N ASP B 110 20.67 9.53 0.78
CA ASP B 110 20.90 9.17 -0.61
C ASP B 110 22.37 9.09 -0.97
N ILE B 111 23.24 9.79 -0.25
CA ILE B 111 24.68 9.77 -0.51
C ILE B 111 25.38 9.29 0.75
N TRP B 112 26.22 8.28 0.59
CA TRP B 112 26.97 7.66 1.67
C TRP B 112 28.46 7.70 1.36
N GLY B 113 29.26 7.63 2.42
CA GLY B 113 30.69 7.47 2.26
C GLY B 113 31.11 6.02 2.29
N GLN B 114 32.42 5.81 2.19
CA GLN B 114 32.97 4.46 2.23
C GLN B 114 33.02 3.88 3.63
N GLY B 115 33.12 4.71 4.66
CA GLY B 115 33.20 4.24 6.03
C GLY B 115 34.62 4.07 6.51
N THR B 116 34.81 4.24 7.81
CA THR B 116 36.11 4.05 8.45
C THR B 116 35.93 3.26 9.73
N MET B 117 36.92 2.44 10.07
CA MET B 117 36.80 1.48 11.16
C MET B 117 37.41 2.03 12.45
N VAL B 118 36.64 1.96 13.54
CA VAL B 118 37.10 2.36 14.86
C VAL B 118 37.05 1.14 15.76
N THR B 119 38.19 0.79 16.35
CA THR B 119 38.32 -0.32 17.27
C THR B 119 38.77 0.21 18.63
N VAL B 120 38.03 -0.14 19.68
CA VAL B 120 38.33 0.27 21.04
C VAL B 120 38.62 -1.00 21.83
N SER B 121 39.88 -1.19 22.21
CA SER B 121 40.26 -2.38 22.94
C SER B 121 41.57 -2.12 23.67
N SER B 122 41.83 -2.95 24.69
CA SER B 122 43.04 -2.87 25.48
C SER B 122 43.82 -4.18 25.39
N ALA B 123 43.97 -4.69 24.17
CA ALA B 123 44.44 -6.06 23.97
C ALA B 123 45.94 -6.19 23.76
N SER B 124 46.69 -5.08 23.71
CA SER B 124 48.15 -5.13 23.70
C SER B 124 48.67 -5.90 22.48
N THR B 125 48.51 -5.27 21.31
CA THR B 125 48.81 -5.83 20.00
C THR B 125 49.98 -6.80 19.97
N LYS B 126 49.78 -7.98 19.39
CA LYS B 126 50.79 -9.02 19.33
C LYS B 126 50.50 -9.94 18.14
N GLY B 127 51.50 -10.73 17.77
CA GLY B 127 51.47 -11.50 16.55
C GLY B 127 50.91 -12.90 16.70
N PRO B 128 50.38 -13.43 15.58
CA PRO B 128 49.68 -14.72 15.63
C PRO B 128 50.62 -15.91 15.76
N SER B 129 50.07 -17.00 16.29
CA SER B 129 50.75 -18.28 16.37
C SER B 129 50.06 -19.27 15.43
N VAL B 130 50.86 -20.10 14.76
CA VAL B 130 50.37 -21.01 13.74
C VAL B 130 50.53 -22.45 14.25
N PHE B 131 49.46 -23.23 14.13
CA PHE B 131 49.48 -24.63 14.52
C PHE B 131 48.96 -25.47 13.37
N PRO B 132 49.70 -26.49 12.94
CA PRO B 132 49.22 -27.32 11.83
C PRO B 132 48.08 -28.24 12.27
N LEU B 133 47.23 -28.60 11.31
CA LEU B 133 46.17 -29.58 11.50
C LEU B 133 46.36 -30.61 10.39
N ALA B 134 47.07 -31.69 10.72
CA ALA B 134 47.46 -32.72 9.78
C ALA B 134 46.29 -33.61 9.39
N PRO B 135 46.24 -34.05 8.14
CA PRO B 135 45.17 -34.97 7.73
C PRO B 135 45.25 -36.29 8.49
N SER B 136 44.07 -36.84 8.79
CA SER B 136 43.99 -38.02 9.64
C SER B 136 44.56 -39.24 8.90
N SER B 137 44.84 -40.28 9.69
CA SER B 137 45.42 -41.52 9.18
C SER B 137 44.34 -42.30 8.43
N LYS B 138 44.31 -42.14 7.11
CA LYS B 138 43.36 -42.85 6.27
C LYS B 138 43.98 -43.07 4.90
N SER B 139 43.67 -44.20 4.28
CA SER B 139 44.33 -44.58 3.03
C SER B 139 43.78 -43.80 1.85
N THR B 140 42.51 -44.04 1.50
CA THR B 140 41.88 -43.32 0.40
C THR B 140 40.66 -42.53 0.84
N SER B 141 39.75 -43.14 1.62
CA SER B 141 38.55 -42.48 2.12
C SER B 141 37.75 -41.83 1.00
N GLY B 142 37.62 -42.55 -0.11
CA GLY B 142 36.89 -42.03 -1.26
C GLY B 142 37.59 -40.92 -2.00
N GLY B 143 38.92 -40.84 -1.92
CA GLY B 143 39.65 -39.76 -2.57
C GLY B 143 39.39 -38.40 -1.99
N THR B 144 39.26 -38.30 -0.67
CA THR B 144 38.98 -37.02 -0.02
C THR B 144 39.75 -36.96 1.29
N ALA B 145 40.68 -36.00 1.39
CA ALA B 145 41.40 -35.74 2.62
C ALA B 145 41.39 -34.24 2.89
N ALA B 146 41.52 -33.87 4.15
CA ALA B 146 41.50 -32.47 4.54
C ALA B 146 42.67 -32.16 5.45
N LEU B 147 43.32 -31.03 5.20
CA LEU B 147 44.40 -30.55 6.05
C LEU B 147 44.25 -29.05 6.23
N GLY B 148 44.97 -28.48 7.18
CA GLY B 148 44.81 -27.05 7.38
C GLY B 148 45.74 -26.47 8.41
N CYS B 149 45.49 -25.21 8.73
CA CYS B 149 46.25 -24.44 9.70
C CYS B 149 45.30 -23.72 10.63
N LEU B 150 45.75 -23.50 11.86
CA LEU B 150 45.01 -22.74 12.85
C LEU B 150 45.86 -21.54 13.25
N VAL B 151 45.27 -20.34 13.20
CA VAL B 151 45.96 -19.09 13.52
C VAL B 151 45.33 -18.55 14.79
N LYS B 152 46.10 -18.52 15.87
CA LYS B 152 45.57 -18.25 17.20
C LYS B 152 46.31 -17.11 17.86
N ASP B 153 45.59 -16.39 18.74
CA ASP B 153 46.21 -15.48 19.69
C ASP B 153 46.93 -14.31 19.00
N TYR B 154 46.15 -13.51 18.28
CA TYR B 154 46.71 -12.33 17.63
C TYR B 154 45.80 -11.13 17.82
N PHE B 155 46.39 -9.94 17.69
CA PHE B 155 45.69 -8.68 17.78
C PHE B 155 46.52 -7.62 17.09
N PRO B 156 45.91 -6.72 16.32
CA PRO B 156 44.49 -6.76 15.96
C PRO B 156 44.27 -7.41 14.60
N GLU B 157 43.06 -7.27 14.07
CA GLU B 157 42.77 -7.69 12.72
C GLU B 157 43.39 -6.71 11.72
N PRO B 158 43.55 -7.11 10.44
CA PRO B 158 43.34 -8.42 9.82
C PRO B 158 44.54 -9.37 9.92
N VAL B 159 44.53 -10.39 9.06
CA VAL B 159 45.64 -11.31 8.89
C VAL B 159 45.41 -12.04 7.57
N THR B 160 46.49 -12.39 6.88
CA THR B 160 46.38 -13.03 5.57
C THR B 160 47.02 -14.41 5.60
N VAL B 161 46.25 -15.43 5.19
CA VAL B 161 46.70 -16.80 5.19
C VAL B 161 46.72 -17.30 3.76
N SER B 162 47.84 -17.90 3.35
CA SER B 162 48.04 -18.38 1.99
C SER B 162 48.68 -19.76 2.03
N TRP B 163 48.50 -20.50 0.93
CA TRP B 163 48.95 -21.88 0.84
C TRP B 163 49.92 -22.02 -0.33
N ASN B 164 51.11 -22.55 -0.04
CA ASN B 164 52.14 -22.82 -1.05
C ASN B 164 52.43 -21.58 -1.89
N SER B 165 52.48 -20.43 -1.23
CA SER B 165 52.77 -19.15 -1.88
C SER B 165 51.79 -18.84 -3.01
N GLY B 166 50.55 -19.27 -2.85
CA GLY B 166 49.52 -19.01 -3.83
C GLY B 166 49.45 -19.97 -4.99
N ALA B 167 50.23 -21.05 -4.96
CA ALA B 167 50.18 -22.05 -6.02
C ALA B 167 48.96 -22.96 -5.92
N LEU B 168 48.33 -23.06 -4.75
CA LEU B 168 47.13 -23.86 -4.55
C LEU B 168 45.99 -22.96 -4.13
N THR B 169 44.88 -23.03 -4.87
CA THR B 169 43.72 -22.18 -4.58
C THR B 169 42.44 -22.99 -4.53
N SER B 170 42.41 -24.12 -5.23
CA SER B 170 41.19 -24.91 -5.33
C SER B 170 40.86 -25.57 -3.99
N GLY B 171 39.60 -25.43 -3.57
CA GLY B 171 39.14 -26.08 -2.36
C GLY B 171 39.65 -25.49 -1.06
N VAL B 172 40.02 -24.22 -1.04
CA VAL B 172 40.57 -23.58 0.14
C VAL B 172 39.47 -22.73 0.79
N HIS B 173 39.23 -22.99 2.07
CA HIS B 173 38.28 -22.22 2.87
C HIS B 173 39.01 -21.57 4.03
N THR B 174 38.96 -20.25 4.09
CA THR B 174 39.53 -19.49 5.20
C THR B 174 38.38 -18.95 6.03
N PHE B 175 38.16 -19.55 7.19
CA PHE B 175 37.01 -19.17 8.01
C PHE B 175 37.23 -17.80 8.63
N PRO B 176 36.16 -17.02 8.82
CA PRO B 176 36.30 -15.71 9.43
C PRO B 176 36.84 -15.81 10.86
N ALA B 177 37.63 -14.82 11.25
CA ALA B 177 38.18 -14.80 12.60
C ALA B 177 37.08 -14.56 13.62
N VAL B 178 37.29 -15.11 14.82
CA VAL B 178 36.32 -15.03 15.91
C VAL B 178 37.01 -14.40 17.12
N LEU B 179 36.33 -13.46 17.76
CA LEU B 179 36.87 -12.77 18.92
C LEU B 179 36.67 -13.62 20.16
N GLN B 180 37.77 -14.11 20.72
CA GLN B 180 37.71 -15.01 21.86
C GLN B 180 37.64 -14.23 23.16
N SER B 181 37.53 -14.95 24.28
CA SER B 181 37.24 -14.32 25.56
C SER B 181 38.35 -13.39 26.05
N SER B 182 39.61 -13.70 25.72
CA SER B 182 40.74 -12.92 26.19
C SER B 182 40.98 -11.65 25.38
N GLY B 183 40.15 -11.40 24.36
CA GLY B 183 40.31 -10.24 23.52
C GLY B 183 41.12 -10.46 22.27
N LEU B 184 41.82 -11.58 22.16
CA LEU B 184 42.58 -11.90 20.96
C LEU B 184 41.66 -12.53 19.91
N TYR B 185 42.25 -12.93 18.79
CA TYR B 185 41.50 -13.46 17.66
C TYR B 185 42.05 -14.83 17.26
N SER B 186 41.19 -15.60 16.62
CA SER B 186 41.59 -16.89 16.08
C SER B 186 40.81 -17.17 14.80
N LEU B 187 41.42 -17.93 13.91
CA LEU B 187 40.73 -18.44 12.73
C LEU B 187 41.39 -19.75 12.30
N SER B 188 40.81 -20.38 11.29
CA SER B 188 41.35 -21.58 10.69
C SER B 188 41.27 -21.45 9.18
N SER B 189 42.18 -22.13 8.49
CA SER B 189 42.18 -22.19 7.03
C SER B 189 42.44 -23.62 6.62
N VAL B 190 41.49 -24.22 5.90
CA VAL B 190 41.57 -25.62 5.54
C VAL B 190 41.53 -25.75 4.02
N VAL B 191 42.06 -26.87 3.54
CA VAL B 191 42.00 -27.24 2.13
C VAL B 191 41.75 -28.75 2.03
N THR B 192 40.89 -29.12 1.09
CA THR B 192 40.60 -30.51 0.79
C THR B 192 41.39 -30.93 -0.44
N VAL B 193 42.21 -31.97 -0.28
CA VAL B 193 43.05 -32.50 -1.35
C VAL B 193 42.90 -34.01 -1.41
N PRO B 194 43.15 -34.64 -2.56
CA PRO B 194 43.06 -36.10 -2.64
C PRO B 194 44.11 -36.77 -1.77
N SER B 195 43.76 -37.97 -1.29
CA SER B 195 44.62 -38.68 -0.35
C SER B 195 45.97 -39.01 -0.97
N SER B 196 45.96 -39.47 -2.23
CA SER B 196 47.20 -39.86 -2.88
C SER B 196 48.17 -38.69 -3.04
N SER B 197 47.69 -37.46 -2.92
CA SER B 197 48.54 -36.27 -3.00
C SER B 197 49.18 -35.91 -1.67
N LEU B 198 48.88 -36.65 -0.60
CA LEU B 198 49.43 -36.32 0.71
C LEU B 198 50.90 -36.72 0.85
N GLY B 199 51.41 -37.56 -0.03
CA GLY B 199 52.78 -38.04 0.10
C GLY B 199 53.80 -37.31 -0.74
N THR B 200 53.39 -36.88 -1.94
CA THR B 200 54.33 -36.28 -2.88
C THR B 200 54.38 -34.76 -2.78
N GLN B 201 53.23 -34.10 -2.87
CA GLN B 201 53.19 -32.64 -2.87
C GLN B 201 53.62 -32.10 -1.51
N THR B 202 54.42 -31.04 -1.54
CA THR B 202 54.85 -30.36 -0.33
C THR B 202 53.89 -29.22 -0.03
N TYR B 203 53.45 -29.13 1.22
CA TYR B 203 52.43 -28.17 1.61
C TYR B 203 53.06 -27.11 2.50
N ILE B 204 52.93 -25.85 2.10
CA ILE B 204 53.46 -24.71 2.83
C ILE B 204 52.29 -23.88 3.32
N CYS B 205 52.40 -23.41 4.56
CA CYS B 205 51.40 -22.55 5.19
C CYS B 205 52.06 -21.23 5.49
N ASN B 206 51.47 -20.13 5.02
CA ASN B 206 52.02 -18.79 5.21
C ASN B 206 50.99 -17.92 5.89
N VAL B 207 51.37 -17.29 7.01
CA VAL B 207 50.50 -16.39 7.74
C VAL B 207 51.22 -15.07 7.91
N ASN B 208 50.59 -13.98 7.46
CA ASN B 208 51.20 -12.66 7.39
C ASN B 208 50.34 -11.70 8.21
N HIS B 209 50.98 -11.00 9.15
CA HIS B 209 50.31 -10.06 10.04
C HIS B 209 51.08 -8.76 9.99
N LYS B 210 50.43 -7.69 9.52
CA LYS B 210 51.08 -6.41 9.30
C LYS B 210 51.27 -5.60 10.59
N PRO B 211 50.25 -5.45 11.44
CA PRO B 211 50.46 -4.61 12.64
C PRO B 211 51.56 -5.11 13.56
N SER B 212 51.76 -6.41 13.67
CA SER B 212 52.86 -6.96 14.45
C SER B 212 54.06 -7.32 13.60
N ASN B 213 53.97 -7.18 12.29
CA ASN B 213 55.04 -7.53 11.37
C ASN B 213 55.48 -8.99 11.56
N THR B 214 54.51 -9.85 11.85
CA THR B 214 54.78 -11.27 12.07
C THR B 214 54.51 -12.05 10.79
N LYS B 215 55.55 -12.69 10.26
CA LYS B 215 55.42 -13.48 9.05
C LYS B 215 55.93 -14.89 9.36
N VAL B 216 55.05 -15.87 9.29
CA VAL B 216 55.36 -17.24 9.67
C VAL B 216 55.06 -18.18 8.52
N ASP B 217 56.01 -19.07 8.22
CA ASP B 217 55.81 -20.14 7.25
C ASP B 217 56.08 -21.47 7.93
N LYS B 218 55.26 -22.47 7.60
CA LYS B 218 55.39 -23.76 8.26
C LYS B 218 54.98 -24.87 7.30
N ARG B 219 55.20 -26.11 7.73
CA ARG B 219 54.94 -27.30 6.94
C ARG B 219 53.99 -28.23 7.68
N VAL B 220 53.02 -28.76 6.96
CA VAL B 220 52.01 -29.68 7.52
C VAL B 220 52.28 -31.07 6.97
N GLU B 221 52.54 -32.02 7.86
CA GLU B 221 52.91 -33.38 7.48
C GLU B 221 52.14 -34.37 8.33
N PRO B 222 51.68 -35.48 7.74
CA PRO B 222 51.00 -36.50 8.54
C PRO B 222 51.92 -37.16 9.55
N LYS B 223 51.33 -37.58 10.67
CA LYS B 223 52.03 -38.34 11.69
C LYS B 223 51.54 -39.79 11.69
N SER B 224 52.38 -40.67 12.23
CA SER B 224 52.06 -42.09 12.31
C SER B 224 51.61 -42.43 13.71
N CYS B 225 50.41 -42.98 13.83
CA CYS B 225 49.85 -43.35 15.13
C CYS B 225 50.51 -44.60 15.69
N ASP C 1 10.88 5.87 19.93
CA ASP C 1 11.06 4.50 20.38
C ASP C 1 10.35 3.51 19.46
N ILE C 2 10.10 3.93 18.22
CA ILE C 2 9.44 3.08 17.25
C ILE C 2 10.44 2.03 16.77
N GLN C 3 10.06 0.76 16.89
CA GLN C 3 10.89 -0.35 16.46
C GLN C 3 10.26 -1.05 15.26
N MET C 4 11.10 -1.44 14.32
CA MET C 4 10.66 -2.00 13.05
C MET C 4 11.08 -3.46 12.98
N THR C 5 10.16 -4.33 12.58
CA THR C 5 10.41 -5.76 12.46
C THR C 5 10.30 -6.17 11.00
N GLN C 6 11.30 -6.90 10.51
CA GLN C 6 11.37 -7.31 9.12
C GLN C 6 11.13 -8.81 9.01
N SER C 7 10.39 -9.20 7.97
CA SER C 7 10.06 -10.59 7.74
C SER C 7 10.24 -10.95 6.27
N PRO C 8 10.90 -12.07 5.95
CA PRO C 8 11.54 -12.94 6.94
C PRO C 8 12.97 -12.50 7.26
N SER C 9 13.62 -13.20 8.20
CA SER C 9 15.03 -12.90 8.48
C SER C 9 15.91 -13.23 7.29
N SER C 10 15.67 -14.36 6.64
CA SER C 10 16.39 -14.76 5.45
C SER C 10 15.42 -15.40 4.46
N LEU C 11 15.74 -15.28 3.18
CA LEU C 11 14.86 -15.76 2.13
C LEU C 11 15.70 -16.33 1.00
N SER C 12 15.36 -17.54 0.56
CA SER C 12 16.07 -18.21 -0.51
C SER C 12 15.21 -18.21 -1.77
N ALA C 13 15.78 -17.76 -2.88
CA ALA C 13 15.06 -17.67 -4.14
C ALA C 13 16.03 -17.93 -5.27
N SER C 14 15.48 -18.27 -6.44
CA SER C 14 16.26 -18.55 -7.63
C SER C 14 16.12 -17.40 -8.64
N VAL C 15 16.91 -17.48 -9.70
CA VAL C 15 16.90 -16.44 -10.72
C VAL C 15 15.58 -16.47 -11.48
N GLY C 16 14.97 -15.30 -11.65
CA GLY C 16 13.70 -15.18 -12.33
C GLY C 16 12.48 -15.33 -11.47
N ASP C 17 12.65 -15.41 -10.15
CA ASP C 17 11.52 -15.57 -9.24
C ASP C 17 11.03 -14.22 -8.73
N ARG C 18 9.85 -14.24 -8.12
CA ARG C 18 9.26 -13.06 -7.51
C ARG C 18 9.42 -13.13 -6.00
N VAL C 19 9.87 -12.02 -5.40
CA VAL C 19 10.23 -11.98 -3.99
C VAL C 19 9.52 -10.82 -3.32
N SER C 20 9.04 -11.05 -2.09
CA SER C 20 8.37 -10.03 -1.30
C SER C 20 8.92 -10.02 0.13
N ILE C 21 9.16 -8.83 0.65
CA ILE C 21 9.68 -8.62 2.00
C ILE C 21 8.75 -7.66 2.73
N THR C 22 8.51 -7.92 4.02
CA THR C 22 7.58 -7.12 4.80
C THR C 22 8.30 -6.41 5.94
N CYS C 23 7.88 -5.16 6.20
CA CYS C 23 8.36 -4.37 7.32
C CYS C 23 7.15 -3.90 8.11
N ARG C 24 7.18 -4.10 9.43
CA ARG C 24 6.05 -3.78 10.29
C ARG C 24 6.51 -2.90 11.44
N ALA C 25 5.71 -1.88 11.75
CA ALA C 25 6.03 -0.91 12.79
C ALA C 25 5.11 -1.10 13.99
N SER C 26 5.63 -0.80 15.18
CA SER C 26 4.84 -0.94 16.40
C SER C 26 3.69 0.06 16.46
N GLN C 27 3.73 1.12 15.66
CA GLN C 27 2.63 2.07 15.58
C GLN C 27 2.61 2.64 14.17
N SER C 28 1.47 3.20 13.78
CA SER C 28 1.31 3.73 12.43
C SER C 28 2.28 4.85 12.17
N ILE C 29 2.96 4.80 11.03
CA ILE C 29 3.95 5.80 10.66
C ILE C 29 3.62 6.45 9.31
N SER C 30 2.36 6.35 8.88
CA SER C 30 1.88 6.93 7.62
C SER C 30 2.72 6.33 6.49
N THR C 31 3.37 7.13 5.65
CA THR C 31 4.18 6.63 4.55
C THR C 31 5.63 7.09 4.67
N HIS C 32 6.11 7.31 5.90
CA HIS C 32 7.48 7.73 6.13
C HIS C 32 8.39 6.51 6.31
N LEU C 33 8.55 5.76 5.22
CA LEU C 33 9.36 4.57 5.22
C LEU C 33 10.18 4.48 3.94
N HIS C 34 11.44 4.08 4.07
CA HIS C 34 12.36 4.01 2.95
C HIS C 34 13.07 2.66 2.97
N TRP C 35 13.43 2.19 1.78
CA TRP C 35 14.05 0.88 1.58
C TRP C 35 15.45 1.06 1.01
N TYR C 36 16.43 0.46 1.69
CA TYR C 36 17.84 0.51 1.30
C TYR C 36 18.33 -0.90 0.99
N GLN C 37 19.31 -0.98 0.08
CA GLN C 37 19.99 -2.22 -0.26
C GLN C 37 21.48 -2.09 0.02
N GLN C 38 22.05 -3.11 0.67
CA GLN C 38 23.48 -3.14 0.96
C GLN C 38 24.05 -4.48 0.57
N LYS C 39 25.16 -4.46 -0.13
CA LYS C 39 26.00 -5.58 -0.50
C LYS C 39 27.18 -5.67 0.47
N PRO C 40 27.76 -6.86 0.65
CA PRO C 40 28.84 -7.01 1.63
C PRO C 40 30.02 -6.09 1.34
N GLY C 41 30.54 -5.48 2.39
CA GLY C 41 31.71 -4.62 2.28
C GLY C 41 31.48 -3.26 1.68
N LYS C 42 30.22 -2.84 1.51
CA LYS C 42 29.90 -1.59 0.83
C LYS C 42 28.86 -0.83 1.62
N ALA C 43 28.72 0.45 1.29
CA ALA C 43 27.73 1.30 1.93
C ALA C 43 26.34 1.03 1.38
N PRO C 44 25.30 1.26 2.18
CA PRO C 44 23.93 1.04 1.69
C PRO C 44 23.58 1.99 0.56
N LYS C 45 22.62 1.56 -0.25
CA LYS C 45 22.13 2.33 -1.39
C LYS C 45 20.62 2.49 -1.28
N LEU C 46 20.13 3.71 -1.46
CA LEU C 46 18.71 3.99 -1.31
C LEU C 46 17.94 3.47 -2.51
N LEU C 47 16.95 2.61 -2.27
CA LEU C 47 16.13 2.04 -3.32
C LEU C 47 14.78 2.75 -3.44
N ILE C 48 14.02 2.78 -2.35
CA ILE C 48 12.65 3.26 -2.38
C ILE C 48 12.50 4.35 -1.32
N SER C 49 11.81 5.44 -1.68
CA SER C 49 11.52 6.52 -0.75
C SER C 49 10.02 6.74 -0.67
N ALA C 50 9.57 7.15 0.52
CA ALA C 50 8.16 7.40 0.81
C ALA C 50 7.30 6.16 0.56
N ALA C 51 7.92 4.99 0.66
CA ALA C 51 7.26 3.69 0.62
C ALA C 51 6.66 3.35 -0.75
N SER C 52 6.67 4.29 -1.68
CA SER C 52 6.14 4.02 -3.01
C SER C 52 6.93 4.61 -4.16
N THR C 53 7.86 5.54 -3.93
CA THR C 53 8.50 6.30 -5.01
C THR C 53 9.84 5.66 -5.36
N LEU C 54 10.00 5.28 -6.62
CA LEU C 54 11.26 4.72 -7.09
C LEU C 54 12.27 5.84 -7.32
N GLN C 55 13.50 5.60 -6.89
CA GLN C 55 14.57 6.58 -7.08
C GLN C 55 15.16 6.46 -8.47
N SER C 56 15.66 7.58 -8.98
CA SER C 56 16.26 7.61 -10.30
C SER C 56 17.53 6.77 -10.33
N GLY C 57 17.72 6.03 -11.43
CA GLY C 57 18.85 5.14 -11.55
C GLY C 57 18.64 3.76 -10.95
N VAL C 58 17.43 3.45 -10.49
CA VAL C 58 17.14 2.15 -9.90
C VAL C 58 16.34 1.34 -10.93
N PRO C 59 16.64 0.06 -11.12
CA PRO C 59 15.87 -0.74 -12.08
C PRO C 59 14.39 -0.78 -11.72
N SER C 60 13.55 -0.81 -12.76
CA SER C 60 12.12 -0.70 -12.58
C SER C 60 11.49 -1.96 -11.97
N ARG C 61 12.24 -3.06 -11.85
CA ARG C 61 11.67 -4.26 -11.27
C ARG C 61 11.34 -4.08 -9.79
N PHE C 62 12.11 -3.26 -9.08
CA PHE C 62 11.83 -2.98 -7.69
C PHE C 62 10.54 -2.16 -7.55
N SER C 63 9.72 -2.50 -6.56
CA SER C 63 8.52 -1.73 -6.28
C SER C 63 8.23 -1.81 -4.80
N GLY C 64 7.46 -0.84 -4.31
CA GLY C 64 7.11 -0.79 -2.90
C GLY C 64 5.67 -0.37 -2.73
N SER C 65 5.08 -0.83 -1.63
CA SER C 65 3.69 -0.51 -1.33
C SER C 65 3.47 -0.60 0.17
N GLY C 66 2.27 -0.23 0.60
CA GLY C 66 1.90 -0.31 1.99
C GLY C 66 1.72 1.07 2.61
N SER C 67 1.19 1.06 3.83
CA SER C 67 0.89 2.29 4.55
C SER C 67 0.39 1.93 5.94
N GLY C 68 0.46 2.90 6.84
CA GLY C 68 -0.01 2.67 8.19
C GLY C 68 1.04 1.98 9.03
N THR C 69 0.86 0.67 9.23
CA THR C 69 1.79 -0.12 10.03
C THR C 69 2.37 -1.31 9.28
N ASP C 70 2.06 -1.48 7.99
CA ASP C 70 2.57 -2.59 7.20
C ASP C 70 3.05 -2.08 5.86
N PHE C 71 4.26 -2.50 5.46
CA PHE C 71 4.85 -2.08 4.20
C PHE C 71 5.53 -3.27 3.55
N THR C 72 5.56 -3.28 2.22
CA THR C 72 6.09 -4.40 1.45
C THR C 72 6.98 -3.91 0.33
N LEU C 73 8.07 -4.65 0.10
CA LEU C 73 8.95 -4.44 -1.03
C LEU C 73 8.90 -5.67 -1.92
N THR C 74 8.76 -5.47 -3.22
CA THR C 74 8.57 -6.56 -4.18
C THR C 74 9.57 -6.44 -5.31
N ILE C 75 10.22 -7.56 -5.64
CA ILE C 75 11.07 -7.69 -6.82
C ILE C 75 10.40 -8.71 -7.75
N THR C 76 10.15 -8.29 -8.98
CA THR C 76 9.39 -9.13 -9.92
C THR C 76 10.27 -10.24 -10.51
N SER C 77 11.32 -9.86 -11.23
CA SER C 77 12.28 -10.81 -11.80
C SER C 77 13.61 -10.59 -11.09
N LEU C 78 14.12 -11.64 -10.46
CA LEU C 78 15.31 -11.53 -9.63
C LEU C 78 16.55 -11.79 -10.48
N GLN C 79 17.28 -10.72 -10.81
CA GLN C 79 18.53 -10.85 -11.52
C GLN C 79 19.61 -11.41 -10.60
N PRO C 80 20.67 -11.99 -11.15
CA PRO C 80 21.70 -12.61 -10.30
C PRO C 80 22.43 -11.64 -9.39
N GLU C 81 22.37 -10.33 -9.66
CA GLU C 81 23.08 -9.35 -8.85
C GLU C 81 22.24 -8.79 -7.71
N ASP C 82 21.02 -9.26 -7.53
CA ASP C 82 20.12 -8.74 -6.52
C ASP C 82 20.22 -9.48 -5.19
N PHE C 83 21.20 -10.35 -5.03
CA PHE C 83 21.39 -11.10 -3.78
C PHE C 83 22.17 -10.25 -2.79
N ALA C 84 21.42 -9.54 -1.94
CA ALA C 84 22.01 -8.65 -0.96
C ALA C 84 21.19 -8.59 0.32
N THR C 85 21.46 -7.62 1.18
CA THR C 85 20.67 -7.40 2.39
C THR C 85 19.84 -6.13 2.22
N TYR C 86 18.62 -6.15 2.76
CA TYR C 86 17.68 -5.05 2.58
C TYR C 86 17.20 -4.53 3.93
N TYR C 87 17.10 -3.21 4.05
CA TYR C 87 16.71 -2.56 5.30
C TYR C 87 15.55 -1.62 5.07
N CYS C 88 14.68 -1.51 6.07
CA CYS C 88 13.61 -0.52 6.08
C CYS C 88 13.91 0.50 7.19
N GLN C 89 13.77 1.77 6.86
CA GLN C 89 14.10 2.87 7.77
C GLN C 89 12.95 3.87 7.81
N GLN C 90 12.56 4.27 9.02
CA GLN C 90 11.46 5.19 9.21
C GLN C 90 11.97 6.58 9.57
N SER C 91 11.25 7.60 9.13
CA SER C 91 11.56 8.99 9.43
C SER C 91 10.35 9.70 10.00
N TYR C 92 9.61 9.01 10.87
CA TYR C 92 8.36 9.53 11.43
C TYR C 92 8.58 10.30 12.72
N SER C 93 9.33 9.72 13.66
CA SER C 93 9.64 10.41 14.91
C SER C 93 10.47 11.65 14.61
N THR C 94 9.98 12.80 15.04
CA THR C 94 10.53 14.07 14.56
C THR C 94 11.95 14.35 15.05
N PRO C 95 12.18 14.60 16.35
CA PRO C 95 13.49 15.12 16.75
C PRO C 95 14.65 14.13 16.65
N ARG C 96 14.54 12.99 17.33
CA ARG C 96 15.68 12.08 17.44
C ARG C 96 15.24 10.62 17.41
N GLY C 97 14.23 10.30 16.61
CA GLY C 97 13.70 8.95 16.67
C GLY C 97 14.01 8.08 15.46
N LEU C 98 15.07 8.43 14.72
CA LEU C 98 15.39 7.71 13.50
C LEU C 98 15.89 6.31 13.83
N SER C 99 15.35 5.29 13.15
CA SER C 99 15.72 3.92 13.43
C SER C 99 15.61 3.07 12.18
N PHE C 100 16.44 2.04 12.11
CA PHE C 100 16.44 1.09 11.00
C PHE C 100 15.80 -0.22 11.42
N GLY C 101 15.61 -1.10 10.44
CA GLY C 101 15.11 -2.43 10.70
C GLY C 101 16.22 -3.45 10.91
N GLY C 102 15.82 -4.68 11.22
CA GLY C 102 16.78 -5.73 11.45
C GLY C 102 17.54 -6.11 10.19
N GLY C 103 16.85 -6.22 9.07
CA GLY C 103 17.48 -6.58 7.81
C GLY C 103 17.07 -7.96 7.36
N THR C 104 16.95 -8.14 6.04
CA THR C 104 16.60 -9.41 5.43
C THR C 104 17.63 -9.74 4.37
N LYS C 105 18.15 -10.96 4.40
CA LYS C 105 19.19 -11.41 3.50
C LYS C 105 18.63 -12.38 2.47
N VAL C 106 19.09 -12.23 1.23
CA VAL C 106 18.63 -13.04 0.11
C VAL C 106 19.80 -13.84 -0.43
N GLU C 107 19.61 -15.16 -0.58
CA GLU C 107 20.68 -16.04 -1.03
C GLU C 107 20.17 -16.95 -2.14
N ILE C 108 21.12 -17.59 -2.83
CA ILE C 108 20.80 -18.42 -3.99
C ILE C 108 20.24 -19.76 -3.52
N LYS C 109 19.21 -20.23 -4.21
CA LYS C 109 18.56 -21.49 -3.91
C LYS C 109 19.17 -22.61 -4.73
N ARG C 110 19.30 -23.79 -4.11
CA ARG C 110 19.87 -24.96 -4.79
C ARG C 110 19.34 -26.22 -4.10
N THR C 111 19.89 -27.36 -4.49
CA THR C 111 19.47 -28.65 -3.97
C THR C 111 20.08 -28.89 -2.59
N VAL C 112 19.96 -30.12 -2.11
CA VAL C 112 20.47 -30.50 -0.79
C VAL C 112 21.76 -31.28 -0.96
N ALA C 113 22.77 -30.91 -0.16
CA ALA C 113 24.06 -31.59 -0.16
C ALA C 113 24.45 -31.93 1.28
N ALA C 114 24.98 -33.13 1.47
CA ALA C 114 25.41 -33.67 2.75
C ALA C 114 26.85 -33.27 3.05
N PRO C 115 27.11 -32.72 4.23
CA PRO C 115 28.47 -32.28 4.55
C PRO C 115 29.42 -33.44 4.75
N SER C 116 30.70 -33.17 4.46
CA SER C 116 31.79 -34.09 4.78
C SER C 116 32.38 -33.69 6.12
N VAL C 117 32.62 -34.66 7.00
CA VAL C 117 33.04 -34.41 8.37
C VAL C 117 34.48 -34.83 8.53
N PHE C 118 35.28 -33.95 9.11
CA PHE C 118 36.67 -34.24 9.46
C PHE C 118 36.95 -33.75 10.88
N ILE C 119 37.93 -34.37 11.53
CA ILE C 119 38.27 -34.04 12.91
C ILE C 119 39.78 -33.87 13.02
N PHE C 120 40.19 -32.92 13.85
CA PHE C 120 41.60 -32.67 14.14
C PHE C 120 41.77 -32.56 15.65
N PRO C 121 42.47 -33.49 16.28
CA PRO C 121 42.85 -33.32 17.69
C PRO C 121 43.99 -32.33 17.81
N PRO C 122 44.28 -31.86 19.03
CA PRO C 122 45.40 -30.92 19.19
C PRO C 122 46.74 -31.54 18.85
N SER C 123 47.68 -30.70 18.45
CA SER C 123 49.00 -31.13 18.07
C SER C 123 49.95 -31.13 19.28
N ASP C 124 51.08 -31.82 19.12
CA ASP C 124 52.09 -31.81 20.17
C ASP C 124 52.76 -30.44 20.27
N GLU C 125 52.92 -29.75 19.14
CA GLU C 125 53.44 -28.39 19.17
C GLU C 125 52.54 -27.49 20.01
N GLN C 126 51.23 -27.66 19.87
CA GLN C 126 50.30 -26.89 20.71
C GLN C 126 50.43 -27.29 22.18
N LEU C 127 50.56 -28.59 22.45
CA LEU C 127 50.67 -29.06 23.83
C LEU C 127 52.02 -28.75 24.47
N LYS C 128 53.00 -28.29 23.71
CA LYS C 128 54.23 -27.79 24.33
C LYS C 128 53.97 -26.55 25.17
N SER C 129 53.06 -25.69 24.73
CA SER C 129 52.75 -24.44 25.42
C SER C 129 51.51 -24.54 26.29
N GLY C 130 51.01 -25.75 26.54
CA GLY C 130 49.91 -25.92 27.47
C GLY C 130 48.54 -25.52 26.96
N THR C 131 48.29 -25.67 25.67
CA THR C 131 47.01 -25.36 25.07
C THR C 131 46.40 -26.64 24.49
N ALA C 132 45.07 -26.75 24.53
CA ALA C 132 44.38 -27.86 23.88
C ALA C 132 43.24 -27.31 23.03
N SER C 133 43.27 -27.59 21.74
CA SER C 133 42.19 -27.21 20.83
C SER C 133 41.78 -28.41 20.00
N VAL C 134 40.48 -28.68 19.96
CA VAL C 134 39.94 -29.81 19.21
C VAL C 134 38.95 -29.26 18.18
N VAL C 135 39.20 -29.53 16.90
CA VAL C 135 38.48 -28.85 15.81
C VAL C 135 37.76 -29.87 14.94
N CYS C 136 36.45 -29.67 14.77
CA CYS C 136 35.60 -30.50 13.92
C CYS C 136 35.10 -29.66 12.75
N LEU C 137 35.22 -30.19 11.53
CA LEU C 137 34.99 -29.45 10.30
C LEU C 137 33.92 -30.12 9.47
N LEU C 138 32.98 -29.32 8.97
CA LEU C 138 31.92 -29.77 8.06
C LEU C 138 32.06 -29.01 6.75
N ASN C 139 32.10 -29.74 5.64
CA ASN C 139 32.33 -29.15 4.33
C ASN C 139 31.15 -29.37 3.40
N ASN C 140 30.80 -28.33 2.66
CA ASN C 140 29.95 -28.39 1.48
C ASN C 140 28.57 -28.99 1.80
N PHE C 141 27.81 -28.23 2.58
CA PHE C 141 26.45 -28.60 2.94
C PHE C 141 25.48 -27.48 2.58
N TYR C 142 24.24 -27.88 2.29
CA TYR C 142 23.14 -26.97 2.04
C TYR C 142 21.88 -27.66 2.52
N PRO C 143 21.00 -26.96 3.26
CA PRO C 143 21.10 -25.55 3.63
C PRO C 143 22.05 -25.31 4.81
N ARG C 144 22.16 -24.06 5.23
CA ARG C 144 23.11 -23.70 6.28
C ARG C 144 22.76 -24.35 7.62
N GLU C 145 21.48 -24.64 7.85
CA GLU C 145 21.02 -25.10 9.16
C GLU C 145 21.60 -26.47 9.48
N ALA C 146 22.46 -26.52 10.49
CA ALA C 146 22.99 -27.77 11.01
C ALA C 146 23.41 -27.53 12.45
N LYS C 147 23.46 -28.60 13.23
CA LYS C 147 23.83 -28.48 14.64
C LYS C 147 24.93 -29.47 15.00
N VAL C 148 25.85 -29.02 15.83
CA VAL C 148 27.00 -29.81 16.26
C VAL C 148 27.01 -29.88 17.79
N GLN C 149 27.15 -31.09 18.32
CA GLN C 149 27.31 -31.31 19.75
C GLN C 149 28.67 -31.92 20.01
N TRP C 150 29.23 -31.61 21.18
CA TRP C 150 30.56 -32.07 21.55
C TRP C 150 30.44 -33.04 22.73
N LYS C 151 31.14 -34.17 22.63
CA LYS C 151 31.13 -35.20 23.65
C LYS C 151 32.56 -35.38 24.16
N VAL C 152 32.77 -35.11 25.44
CA VAL C 152 34.03 -35.39 26.11
C VAL C 152 33.86 -36.74 26.79
N ASP C 153 34.53 -37.75 26.25
CA ASP C 153 34.45 -39.13 26.75
C ASP C 153 33.02 -39.54 27.05
N ASN C 154 32.15 -39.33 26.05
CA ASN C 154 30.74 -39.69 26.08
C ASN C 154 29.93 -38.88 27.09
N ALA C 155 30.32 -37.63 27.36
CA ALA C 155 29.53 -36.74 28.18
C ALA C 155 29.31 -35.42 27.42
N LEU C 156 28.18 -34.77 27.69
CA LEU C 156 27.81 -33.56 26.97
C LEU C 156 28.80 -32.44 27.27
N GLN C 157 28.99 -31.55 26.29
CA GLN C 157 29.76 -30.34 26.53
C GLN C 157 28.95 -29.10 26.16
N SER C 158 29.24 -28.00 26.87
CA SER C 158 28.59 -26.72 26.60
C SER C 158 29.46 -25.60 27.16
N GLY C 159 29.47 -24.48 26.45
CA GLY C 159 30.15 -23.28 26.91
C GLY C 159 31.61 -23.17 26.52
N ASN C 160 32.19 -24.20 25.91
CA ASN C 160 33.58 -24.16 25.47
C ASN C 160 33.70 -24.41 23.98
N SER C 161 32.66 -24.09 23.22
CA SER C 161 32.62 -24.30 21.78
C SER C 161 32.57 -22.97 21.06
N GLN C 162 33.49 -22.77 20.13
CA GLN C 162 33.47 -21.62 19.23
C GLN C 162 33.20 -22.12 17.82
N GLU C 163 32.25 -21.48 17.14
CA GLU C 163 31.80 -21.93 15.83
C GLU C 163 31.95 -20.80 14.82
N SER C 164 32.43 -21.16 13.62
CA SER C 164 32.57 -20.21 12.52
C SER C 164 32.00 -20.82 11.26
N VAL C 165 31.50 -19.96 10.37
CA VAL C 165 30.80 -20.40 9.16
C VAL C 165 31.22 -19.53 7.99
N THR C 166 31.26 -20.12 6.80
CA THR C 166 31.65 -19.44 5.57
C THR C 166 30.41 -19.06 4.76
N GLU C 167 30.51 -17.94 4.05
CA GLU C 167 29.46 -17.51 3.14
C GLU C 167 29.38 -18.45 1.94
N GLN C 168 28.27 -18.35 1.21
CA GLN C 168 28.08 -19.17 0.02
C GLN C 168 29.20 -18.95 -0.97
N ASP C 169 29.80 -20.05 -1.44
CA ASP C 169 30.89 -19.96 -2.39
C ASP C 169 30.34 -19.74 -3.80
N SER C 170 31.20 -19.27 -4.69
CA SER C 170 30.77 -18.82 -6.01
C SER C 170 30.57 -19.94 -7.02
N LYS C 171 31.00 -21.18 -6.72
CA LYS C 171 30.88 -22.25 -7.70
C LYS C 171 29.80 -23.26 -7.35
N ASP C 172 29.63 -23.60 -6.07
CA ASP C 172 28.62 -24.57 -5.66
C ASP C 172 27.57 -24.00 -4.71
N SER C 173 27.77 -22.77 -4.22
CA SER C 173 26.78 -22.08 -3.38
C SER C 173 26.44 -22.87 -2.13
N THR C 174 27.45 -23.46 -1.49
CA THR C 174 27.28 -24.18 -0.24
C THR C 174 28.01 -23.43 0.88
N TYR C 175 27.93 -23.99 2.08
CA TYR C 175 28.55 -23.42 3.27
C TYR C 175 29.50 -24.42 3.89
N SER C 176 30.44 -23.90 4.69
CA SER C 176 31.33 -24.72 5.50
C SER C 176 31.25 -24.23 6.93
N LEU C 177 31.50 -25.15 7.87
CA LEU C 177 31.42 -24.81 9.28
C LEU C 177 32.60 -25.43 10.01
N SER C 178 33.10 -24.73 11.03
CA SER C 178 34.22 -25.19 11.83
C SER C 178 33.94 -24.90 13.30
N SER C 179 33.96 -25.95 14.13
CA SER C 179 33.75 -25.82 15.56
C SER C 179 35.03 -26.22 16.29
N THR C 180 35.27 -25.58 17.43
CA THR C 180 36.48 -25.83 18.20
C THR C 180 36.19 -25.80 19.69
N LEU C 181 36.85 -26.70 20.43
CA LEU C 181 36.88 -26.68 21.88
C LEU C 181 38.26 -26.23 22.35
N THR C 182 38.27 -25.32 23.31
CA THR C 182 39.49 -24.81 23.93
C THR C 182 39.55 -25.28 25.38
N LEU C 183 40.66 -25.93 25.74
CA LEU C 183 40.84 -26.51 27.07
C LEU C 183 42.30 -26.37 27.48
N SER C 184 42.54 -26.59 28.77
CA SER C 184 43.89 -26.69 29.28
C SER C 184 44.33 -28.15 29.31
N LYS C 185 45.65 -28.35 29.21
CA LYS C 185 46.19 -29.70 29.08
C LYS C 185 45.84 -30.57 30.28
N ALA C 186 45.68 -29.98 31.46
CA ALA C 186 45.19 -30.73 32.61
C ALA C 186 43.77 -31.22 32.38
N ASP C 187 42.94 -30.40 31.72
CA ASP C 187 41.60 -30.83 31.36
C ASP C 187 41.61 -31.82 30.20
N TYR C 188 42.74 -31.98 29.52
CA TYR C 188 42.84 -32.88 28.37
C TYR C 188 43.31 -34.27 28.78
N GLU C 189 44.44 -34.35 29.50
CA GLU C 189 45.07 -35.64 29.76
C GLU C 189 44.19 -36.60 30.55
N LYS C 190 43.33 -36.09 31.43
CA LYS C 190 42.51 -36.96 32.26
C LYS C 190 41.55 -37.79 31.42
N HIS C 191 40.93 -37.17 30.43
CA HIS C 191 39.93 -37.84 29.61
C HIS C 191 40.58 -38.58 28.46
N LYS C 192 39.81 -39.46 27.81
CA LYS C 192 40.34 -40.36 26.79
C LYS C 192 39.61 -40.28 25.47
N VAL C 193 38.29 -40.07 25.48
CA VAL C 193 37.48 -40.07 24.27
C VAL C 193 37.05 -38.65 23.96
N TYR C 194 36.98 -38.31 22.68
CA TYR C 194 36.37 -37.05 22.25
C TYR C 194 35.60 -37.29 20.97
N ALA C 195 34.51 -36.56 20.78
CA ALA C 195 33.69 -36.78 19.59
C ALA C 195 32.88 -35.55 19.26
N CYS C 196 32.59 -35.38 17.97
CA CYS C 196 31.66 -34.38 17.49
C CYS C 196 30.50 -35.05 16.77
N GLU C 197 29.28 -34.71 17.17
CA GLU C 197 28.04 -35.19 16.57
C GLU C 197 27.50 -34.09 15.67
N VAL C 198 27.25 -34.40 14.40
CA VAL C 198 26.77 -33.42 13.44
C VAL C 198 25.42 -33.88 12.90
N THR C 199 24.44 -32.98 12.91
CA THR C 199 23.11 -33.26 12.40
C THR C 199 22.74 -32.20 11.37
N HIS C 200 22.26 -32.66 10.21
CA HIS C 200 21.93 -31.78 9.10
C HIS C 200 20.68 -32.32 8.43
N GLN C 201 20.03 -31.46 7.64
CA GLN C 201 18.79 -31.84 6.96
C GLN C 201 19.01 -32.99 5.98
N GLY C 202 20.11 -32.97 5.24
CA GLY C 202 20.43 -33.99 4.27
C GLY C 202 20.99 -35.27 4.84
N LEU C 203 21.04 -35.39 6.16
CA LEU C 203 21.53 -36.59 6.82
C LEU C 203 20.35 -37.39 7.36
N SER C 204 20.28 -38.68 6.99
CA SER C 204 19.21 -39.53 7.50
C SER C 204 19.28 -39.68 9.01
N SER C 205 20.48 -39.86 9.54
CA SER C 205 20.73 -39.96 10.97
C SER C 205 21.93 -39.07 11.32
N PRO C 206 22.01 -38.61 12.57
CA PRO C 206 23.18 -37.83 12.98
C PRO C 206 24.46 -38.63 12.79
N VAL C 207 25.51 -37.95 12.33
CA VAL C 207 26.79 -38.59 12.02
C VAL C 207 27.78 -38.24 13.11
N THR C 208 28.43 -39.25 13.66
CA THR C 208 29.43 -39.06 14.71
C THR C 208 30.82 -39.14 14.10
N LYS C 209 31.75 -38.39 14.69
CA LYS C 209 33.17 -38.59 14.41
C LYS C 209 33.93 -38.50 15.73
N SER C 210 34.60 -39.59 16.10
CA SER C 210 35.18 -39.74 17.41
C SER C 210 36.65 -40.12 17.29
N PHE C 211 37.40 -39.85 18.36
CA PHE C 211 38.77 -40.31 18.45
C PHE C 211 39.13 -40.56 19.91
N ASN C 212 39.88 -41.64 20.13
CA ASN C 212 40.42 -42.02 21.42
C ASN C 212 41.89 -41.67 21.45
N ARG C 213 42.29 -40.91 22.47
CA ARG C 213 43.64 -40.35 22.53
C ARG C 213 44.68 -41.45 22.76
N GLY C 214 44.34 -42.47 23.54
CA GLY C 214 45.32 -43.49 23.87
C GLY C 214 45.86 -44.23 22.66
N GLU C 215 44.99 -44.59 21.71
CA GLU C 215 45.41 -45.40 20.57
C GLU C 215 46.37 -44.63 19.68
N CYS C 216 45.99 -43.41 19.29
CA CYS C 216 46.81 -42.60 18.39
C CYS C 216 47.16 -41.28 19.05
N GLN D 1 -34.06 14.57 8.41
CA GLN D 1 -34.32 13.91 7.13
C GLN D 1 -34.04 14.91 6.01
N ILE D 2 -33.30 14.46 5.00
CA ILE D 2 -32.86 15.33 3.92
C ILE D 2 -33.26 14.72 2.59
N THR D 3 -33.35 15.57 1.57
CA THR D 3 -33.72 15.15 0.23
C THR D 3 -32.80 15.82 -0.78
N LEU D 4 -32.55 15.14 -1.90
CA LEU D 4 -31.76 15.66 -3.00
C LEU D 4 -32.47 15.36 -4.30
N LYS D 5 -32.44 16.31 -5.23
CA LYS D 5 -33.12 16.13 -6.51
C LYS D 5 -32.24 16.63 -7.64
N GLU D 6 -32.17 15.84 -8.72
CA GLU D 6 -31.40 16.17 -9.90
C GLU D 6 -32.30 16.80 -10.96
N SER D 7 -31.73 17.69 -11.77
CA SER D 7 -32.46 18.33 -12.84
C SER D 7 -31.49 18.74 -13.93
N GLY D 8 -32.03 18.96 -15.13
CA GLY D 8 -31.25 19.37 -16.26
C GLY D 8 -31.68 18.68 -17.54
N PRO D 9 -31.22 19.19 -18.68
CA PRO D 9 -31.53 18.53 -19.95
C PRO D 9 -31.01 17.10 -20.02
N THR D 10 -31.92 16.14 -20.11
CA THR D 10 -31.56 14.73 -20.14
C THR D 10 -31.08 14.25 -21.50
N LEU D 11 -31.25 15.06 -22.55
CA LEU D 11 -30.83 14.70 -23.90
C LEU D 11 -29.66 15.59 -24.29
N VAL D 12 -28.54 14.97 -24.66
CA VAL D 12 -27.32 15.67 -25.02
C VAL D 12 -26.85 15.15 -26.38
N LYS D 13 -26.54 16.07 -27.29
CA LYS D 13 -25.96 15.69 -28.56
C LYS D 13 -24.47 15.42 -28.40
N PRO D 14 -23.87 14.62 -29.29
CA PRO D 14 -22.46 14.26 -29.11
C PRO D 14 -21.54 15.47 -29.17
N THR D 15 -20.44 15.36 -28.41
CA THR D 15 -19.35 16.33 -28.29
C THR D 15 -19.79 17.77 -28.01
N GLN D 16 -20.96 17.96 -27.42
CA GLN D 16 -21.25 19.18 -26.68
C GLN D 16 -21.16 18.89 -25.18
N THR D 17 -21.64 19.83 -24.38
CA THR D 17 -21.49 19.80 -22.93
C THR D 17 -22.84 19.57 -22.27
N LEU D 18 -22.82 18.98 -21.06
CA LEU D 18 -24.02 18.89 -20.25
C LEU D 18 -23.81 19.60 -18.92
N THR D 19 -24.91 20.10 -18.37
CA THR D 19 -24.94 20.83 -17.11
C THR D 19 -26.10 20.33 -16.27
N LEU D 20 -25.79 19.70 -15.14
CA LEU D 20 -26.80 19.13 -14.26
C LEU D 20 -26.80 19.88 -12.93
N THR D 21 -27.99 20.06 -12.35
CA THR D 21 -28.16 20.80 -11.11
C THR D 21 -28.75 19.88 -10.06
N CYS D 22 -28.17 19.91 -8.86
CA CYS D 22 -28.70 19.17 -7.72
C CYS D 22 -29.19 20.17 -6.70
N THR D 23 -30.46 20.05 -6.33
CA THR D 23 -31.09 20.90 -5.31
C THR D 23 -31.40 20.05 -4.10
N PHE D 24 -30.94 20.50 -2.93
CA PHE D 24 -31.04 19.70 -1.72
C PHE D 24 -31.76 20.48 -0.63
N SER D 25 -32.43 19.73 0.25
CA SER D 25 -33.14 20.30 1.39
C SER D 25 -32.88 19.45 2.62
N GLY D 26 -32.86 20.10 3.78
CA GLY D 26 -32.58 19.43 5.03
C GLY D 26 -31.19 19.66 5.59
N PHE D 27 -30.31 20.28 4.81
CA PHE D 27 -28.97 20.62 5.28
C PHE D 27 -28.46 21.78 4.44
N SER D 28 -27.37 22.38 4.91
CA SER D 28 -26.77 23.52 4.23
C SER D 28 -25.28 23.30 4.05
N LEU D 29 -24.74 23.86 2.97
CA LEU D 29 -23.31 23.77 2.70
C LEU D 29 -22.55 24.81 3.51
N SER D 30 -22.79 24.85 4.81
CA SER D 30 -22.06 25.72 5.71
C SER D 30 -21.65 25.01 6.99
N THR D 31 -22.03 23.75 7.18
CA THR D 31 -21.62 22.98 8.34
C THR D 31 -20.30 22.29 8.05
N SER D 32 -19.47 22.18 9.07
CA SER D 32 -18.17 21.53 8.92
C SER D 32 -18.34 20.04 8.63
N GLY D 33 -17.57 19.55 7.68
CA GLY D 33 -17.58 18.14 7.32
C GLY D 33 -18.68 17.71 6.38
N VAL D 34 -19.41 18.65 5.79
CA VAL D 34 -20.52 18.34 4.89
C VAL D 34 -20.06 18.54 3.46
N GLY D 35 -20.40 17.57 2.59
CA GLY D 35 -20.05 17.69 1.19
C GLY D 35 -21.19 17.17 0.32
N VAL D 36 -21.07 17.49 -0.97
CA VAL D 36 -21.99 16.98 -1.99
C VAL D 36 -21.17 16.29 -3.07
N ALA D 37 -21.55 15.06 -3.41
CA ALA D 37 -20.80 14.27 -4.37
C ALA D 37 -21.68 13.91 -5.56
N TRP D 38 -21.02 13.71 -6.70
CA TRP D 38 -21.66 13.27 -7.93
C TRP D 38 -21.08 11.92 -8.33
N ILE D 39 -21.97 10.95 -8.54
CA ILE D 39 -21.63 9.59 -8.97
C ILE D 39 -22.47 9.26 -10.18
N ARG D 40 -21.98 8.34 -11.02
CA ARG D 40 -22.75 7.88 -12.16
C ARG D 40 -22.67 6.36 -12.25
N GLN D 41 -23.69 5.78 -12.88
CA GLN D 41 -23.74 4.33 -13.10
C GLN D 41 -24.21 4.09 -14.53
N PRO D 42 -23.41 3.44 -15.37
CA PRO D 42 -23.87 3.07 -16.71
C PRO D 42 -24.94 1.99 -16.62
N PRO D 43 -25.76 1.83 -17.66
CA PRO D 43 -26.83 0.83 -17.59
C PRO D 43 -26.31 -0.60 -17.46
N GLY D 44 -26.55 -1.22 -16.31
CA GLY D 44 -26.10 -2.57 -16.06
C GLY D 44 -24.68 -2.71 -15.59
N LYS D 45 -23.97 -1.62 -15.34
CA LYS D 45 -22.57 -1.65 -14.95
C LYS D 45 -22.41 -1.18 -13.51
N ALA D 46 -21.18 -1.15 -13.05
CA ALA D 46 -20.87 -0.77 -11.69
C ALA D 46 -20.85 0.74 -11.53
N LEU D 47 -20.89 1.19 -10.28
CA LEU D 47 -20.91 2.60 -9.96
C LEU D 47 -19.53 3.23 -10.13
N GLU D 48 -19.51 4.51 -10.45
CA GLU D 48 -18.27 5.25 -10.66
C GLU D 48 -18.40 6.64 -10.07
N TRP D 49 -17.55 6.96 -9.10
CA TRP D 49 -17.57 8.28 -8.49
C TRP D 49 -16.99 9.32 -9.44
N LEU D 50 -17.69 10.44 -9.59
CA LEU D 50 -17.27 11.50 -10.50
C LEU D 50 -16.58 12.64 -9.77
N ALA D 51 -17.26 13.28 -8.83
CA ALA D 51 -16.73 14.51 -8.25
C ALA D 51 -17.24 14.69 -6.82
N LEU D 52 -16.61 15.60 -6.10
CA LEU D 52 -17.01 15.92 -4.74
C LEU D 52 -16.67 17.37 -4.44
N ILE D 53 -17.55 18.05 -3.72
CA ILE D 53 -17.29 19.44 -3.31
C ILE D 53 -17.62 19.59 -1.83
N TYR D 54 -16.80 20.37 -1.13
CA TYR D 54 -16.86 20.49 0.31
C TYR D 54 -17.50 21.81 0.72
N TRP D 55 -17.62 22.01 2.03
CA TRP D 55 -18.25 23.24 2.55
C TRP D 55 -17.32 24.44 2.41
N ASP D 56 -16.00 24.21 2.43
CA ASP D 56 -15.02 25.29 2.31
C ASP D 56 -14.52 25.47 0.88
N ASN D 57 -15.38 25.17 -0.10
CA ASN D 57 -15.08 25.38 -1.52
C ASN D 57 -13.93 24.50 -2.01
N ASP D 58 -13.48 23.57 -1.18
CA ASP D 58 -12.51 22.59 -1.64
C ASP D 58 -13.21 21.52 -2.47
N LYS D 59 -12.60 21.15 -3.59
CA LYS D 59 -13.23 20.23 -4.53
C LYS D 59 -12.24 19.15 -4.93
N ARG D 60 -12.78 17.98 -5.29
CA ARG D 60 -11.99 16.84 -5.74
C ARG D 60 -12.67 16.26 -6.97
N SER D 61 -11.86 15.81 -7.93
CA SER D 61 -12.38 15.25 -9.16
C SER D 61 -11.61 13.97 -9.50
N SER D 62 -12.25 13.10 -10.26
CA SER D 62 -11.58 11.90 -10.71
C SER D 62 -10.43 12.28 -11.64
N PRO D 63 -9.22 11.78 -11.41
CA PRO D 63 -8.07 12.22 -12.22
C PRO D 63 -8.23 11.96 -13.71
N SER D 64 -8.87 10.86 -14.09
CA SER D 64 -9.06 10.58 -15.52
C SER D 64 -10.05 11.54 -16.17
N LEU D 65 -10.96 12.13 -15.39
CA LEU D 65 -11.98 13.02 -15.92
C LEU D 65 -11.83 14.45 -15.41
N ASN D 66 -10.71 14.77 -14.74
CA ASN D 66 -10.51 16.11 -14.22
C ASN D 66 -10.41 17.13 -15.35
N ASN D 67 -9.99 16.69 -16.53
CA ASN D 67 -9.77 17.62 -17.64
C ASN D 67 -11.07 18.30 -18.05
N ARG D 68 -12.19 17.58 -18.00
CA ARG D 68 -13.45 18.08 -18.54
C ARG D 68 -14.57 18.08 -17.51
N LEU D 69 -14.25 18.31 -16.24
CA LEU D 69 -15.25 18.35 -15.17
C LEU D 69 -15.12 19.67 -14.42
N THR D 70 -16.25 20.34 -14.21
CA THR D 70 -16.32 21.50 -13.33
C THR D 70 -17.49 21.34 -12.38
N ILE D 71 -17.32 21.78 -11.14
CA ILE D 71 -18.36 21.70 -10.12
C ILE D 71 -18.37 23.01 -9.34
N THR D 72 -19.57 23.56 -9.13
CA THR D 72 -19.74 24.82 -8.42
C THR D 72 -20.86 24.69 -7.42
N LYS D 73 -20.84 25.55 -6.41
CA LYS D 73 -21.82 25.51 -5.33
C LYS D 73 -22.43 26.89 -5.11
N ASP D 74 -23.72 26.92 -4.83
CA ASP D 74 -24.45 28.13 -4.46
C ASP D 74 -25.16 27.84 -3.14
N THR D 75 -24.63 28.41 -2.06
CA THR D 75 -25.15 28.14 -0.72
C THR D 75 -26.47 28.85 -0.47
N SER D 76 -26.65 30.05 -1.03
CA SER D 76 -27.85 30.83 -0.75
C SER D 76 -29.11 30.11 -1.21
N LYS D 77 -29.10 29.58 -2.42
CA LYS D 77 -30.24 28.87 -2.97
C LYS D 77 -30.09 27.36 -2.94
N ASN D 78 -29.04 26.85 -2.28
CA ASN D 78 -28.86 25.42 -2.06
C ASN D 78 -28.83 24.64 -3.38
N GLN D 79 -27.81 24.93 -4.19
CA GLN D 79 -27.67 24.24 -5.46
C GLN D 79 -26.22 23.86 -5.69
N VAL D 80 -26.03 22.73 -6.39
CA VAL D 80 -24.71 22.31 -6.82
C VAL D 80 -24.78 22.01 -8.31
N VAL D 81 -23.87 22.58 -9.08
CA VAL D 81 -23.93 22.51 -10.54
C VAL D 81 -22.70 21.76 -11.03
N LEU D 82 -22.93 20.75 -11.87
CA LEU D 82 -21.86 19.96 -12.48
C LEU D 82 -21.91 20.16 -13.99
N THR D 83 -20.76 20.46 -14.59
CA THR D 83 -20.65 20.67 -16.03
C THR D 83 -19.58 19.75 -16.58
N MET D 84 -19.91 19.04 -17.66
CA MET D 84 -18.99 18.15 -18.33
C MET D 84 -18.94 18.49 -19.80
N THR D 85 -17.73 18.49 -20.37
CA THR D 85 -17.50 18.91 -21.75
C THR D 85 -17.01 17.74 -22.59
N ASN D 86 -17.23 17.86 -23.90
CA ASN D 86 -16.84 16.86 -24.89
C ASN D 86 -17.48 15.52 -24.54
N MET D 87 -18.79 15.48 -24.74
CA MET D 87 -19.57 14.29 -24.41
C MET D 87 -19.41 13.21 -25.48
N ASP D 88 -19.39 11.96 -25.05
CA ASP D 88 -19.20 10.80 -25.88
C ASP D 88 -20.43 9.90 -25.82
N PRO D 89 -20.65 9.04 -26.83
CA PRO D 89 -21.80 8.14 -26.78
C PRO D 89 -21.69 7.04 -25.73
N GLU D 90 -20.53 6.88 -25.10
CA GLU D 90 -20.36 5.92 -24.03
C GLU D 90 -20.51 6.54 -22.65
N ASP D 91 -20.91 7.81 -22.57
CA ASP D 91 -21.21 8.46 -21.30
C ASP D 91 -22.69 8.46 -20.97
N THR D 92 -23.51 7.70 -21.71
CA THR D 92 -24.90 7.51 -21.34
C THR D 92 -24.99 6.69 -20.07
N ALA D 93 -25.69 7.21 -19.07
CA ALA D 93 -25.69 6.59 -17.75
C ALA D 93 -26.84 7.18 -16.93
N THR D 94 -26.83 6.86 -15.63
CA THR D 94 -27.72 7.47 -14.64
C THR D 94 -26.85 8.22 -13.65
N TYR D 95 -27.20 9.47 -13.39
CA TYR D 95 -26.40 10.37 -12.56
C TYR D 95 -27.09 10.62 -11.24
N TYR D 96 -26.36 10.46 -10.15
CA TYR D 96 -26.83 10.71 -8.80
C TYR D 96 -25.99 11.77 -8.12
N CYS D 97 -26.63 12.58 -7.29
CA CYS D 97 -25.95 13.43 -6.32
C CYS D 97 -26.26 12.93 -4.93
N ALA D 98 -25.24 12.84 -4.08
CA ALA D 98 -25.36 12.22 -2.78
C ALA D 98 -24.78 13.13 -1.71
N HIS D 99 -25.31 12.99 -0.49
CA HIS D 99 -24.83 13.73 0.66
C HIS D 99 -23.61 13.02 1.26
N PHE D 100 -22.58 13.78 1.61
CA PHE D 100 -21.34 13.23 2.14
C PHE D 100 -21.11 13.78 3.54
N PHE D 101 -20.78 12.90 4.49
CA PHE D 101 -20.56 13.28 5.86
C PHE D 101 -19.60 12.28 6.51
N SER D 102 -19.01 12.68 7.63
CA SER D 102 -18.07 11.86 8.39
C SER D 102 -18.51 11.82 9.85
N HIS D 103 -17.81 11.02 10.65
CA HIS D 103 -18.16 10.81 12.05
C HIS D 103 -16.92 10.97 12.92
N TYR D 104 -17.00 11.92 13.87
CA TYR D 104 -15.99 12.10 14.90
C TYR D 104 -16.68 12.13 16.27
N ASP D 105 -15.92 11.85 17.34
CA ASP D 105 -16.49 11.82 18.69
C ASP D 105 -15.74 12.70 19.71
N SER D 106 -16.02 14.00 19.67
CA SER D 106 -15.63 14.93 20.73
C SER D 106 -14.13 14.94 20.99
N SER D 107 -13.39 14.13 20.25
CA SER D 107 -11.94 14.07 20.34
C SER D 107 -11.32 13.88 18.96
N ASN D 108 -12.14 13.90 17.91
CA ASN D 108 -11.69 13.75 16.53
C ASN D 108 -10.98 12.41 16.32
N TYR D 109 -11.77 11.33 16.44
CA TYR D 109 -11.26 9.98 16.24
C TYR D 109 -11.63 9.37 14.89
N TYR D 110 -12.62 9.91 14.17
CA TYR D 110 -12.92 9.45 12.82
C TYR D 110 -13.34 7.98 12.71
N TYR D 111 -14.56 7.64 13.10
CA TYR D 111 -15.08 6.32 12.79
C TYR D 111 -15.63 6.19 11.36
N GLY D 112 -14.89 6.66 10.36
CA GLY D 112 -15.29 6.47 8.98
C GLY D 112 -16.25 7.52 8.45
N SER D 113 -16.53 7.41 7.14
CA SER D 113 -17.40 8.35 6.43
C SER D 113 -18.22 7.56 5.41
N TRP D 114 -19.14 8.25 4.73
CA TRP D 114 -20.13 7.56 3.92
C TRP D 114 -20.73 8.50 2.88
N PHE D 115 -21.48 7.91 1.94
CA PHE D 115 -22.32 8.62 0.98
C PHE D 115 -23.76 8.31 1.34
N ASP D 116 -24.30 9.06 2.31
CA ASP D 116 -25.67 8.87 2.75
C ASP D 116 -26.52 9.79 1.87
N PRO D 117 -27.82 10.00 2.14
CA PRO D 117 -28.85 9.88 1.08
C PRO D 117 -28.43 10.28 -0.33
N TRP D 118 -28.79 9.40 -1.25
CA TRP D 118 -28.61 9.56 -2.68
C TRP D 118 -29.85 10.21 -3.28
N GLY D 119 -29.69 10.81 -4.45
CA GLY D 119 -30.81 11.36 -5.17
C GLY D 119 -31.58 10.30 -5.92
N GLN D 120 -32.65 10.75 -6.58
CA GLN D 120 -33.43 9.82 -7.41
C GLN D 120 -32.66 9.39 -8.64
N GLY D 121 -31.73 10.22 -9.13
CA GLY D 121 -30.93 9.88 -10.28
C GLY D 121 -31.62 10.15 -11.59
N THR D 122 -30.92 10.79 -12.53
CA THR D 122 -31.48 11.13 -13.83
C THR D 122 -30.76 10.37 -14.93
N LEU D 123 -31.52 9.90 -15.91
CA LEU D 123 -30.96 9.14 -17.03
C LEU D 123 -30.55 10.11 -18.13
N VAL D 124 -29.27 10.07 -18.51
CA VAL D 124 -28.72 10.93 -19.55
C VAL D 124 -28.23 10.04 -20.68
N THR D 125 -28.73 10.32 -21.89
CA THR D 125 -28.32 9.61 -23.10
C THR D 125 -27.63 10.59 -24.03
N VAL D 126 -26.52 10.16 -24.63
CA VAL D 126 -25.72 10.98 -25.51
C VAL D 126 -25.60 10.26 -26.85
N SER D 127 -26.34 10.72 -27.84
CA SER D 127 -26.28 10.13 -29.16
C SER D 127 -26.84 11.12 -30.17
N SER D 128 -26.48 10.91 -31.44
CA SER D 128 -26.97 11.74 -32.54
C SER D 128 -28.12 10.99 -33.21
N ALA D 129 -29.35 11.38 -32.90
CA ALA D 129 -30.52 10.75 -33.49
C ALA D 129 -31.69 11.71 -33.37
N SER D 130 -32.82 11.34 -33.97
CA SER D 130 -34.01 12.18 -33.97
C SER D 130 -35.17 11.38 -33.38
N THR D 131 -35.96 12.05 -32.55
CA THR D 131 -37.13 11.40 -31.97
C THR D 131 -38.16 11.08 -33.05
N LYS D 132 -38.46 9.79 -33.19
CA LYS D 132 -39.42 9.32 -34.17
C LYS D 132 -40.34 8.28 -33.54
N GLY D 133 -41.54 8.15 -34.10
CA GLY D 133 -42.57 7.32 -33.53
C GLY D 133 -42.27 5.84 -33.59
N PRO D 134 -42.69 5.12 -32.56
CA PRO D 134 -42.53 3.66 -32.56
C PRO D 134 -43.46 3.00 -33.57
N SER D 135 -43.10 1.78 -33.95
CA SER D 135 -43.96 0.94 -34.79
C SER D 135 -44.17 -0.39 -34.09
N VAL D 136 -45.43 -0.81 -33.96
CA VAL D 136 -45.78 -2.04 -33.25
C VAL D 136 -46.23 -3.08 -34.27
N PHE D 137 -45.76 -4.32 -34.08
CA PHE D 137 -46.08 -5.46 -34.92
C PHE D 137 -46.67 -6.58 -34.08
N PRO D 138 -47.83 -7.11 -34.46
CA PRO D 138 -48.50 -8.12 -33.63
C PRO D 138 -47.91 -9.50 -33.85
N LEU D 139 -47.21 -10.02 -32.83
CA LEU D 139 -46.77 -11.41 -32.80
C LEU D 139 -47.98 -12.23 -32.38
N ALA D 140 -48.73 -12.71 -33.37
CA ALA D 140 -49.90 -13.54 -33.15
C ALA D 140 -49.47 -14.93 -32.67
N PRO D 141 -50.35 -15.62 -31.95
CA PRO D 141 -49.99 -16.95 -31.45
C PRO D 141 -49.87 -17.97 -32.57
N SER D 142 -49.23 -19.09 -32.24
CA SER D 142 -49.10 -20.19 -33.18
C SER D 142 -50.46 -20.80 -33.49
N SER D 143 -50.59 -21.32 -34.71
CA SER D 143 -51.81 -22.01 -35.14
C SER D 143 -51.78 -23.40 -34.52
N LYS D 144 -52.07 -23.47 -33.23
CA LYS D 144 -52.05 -24.71 -32.48
C LYS D 144 -53.39 -24.91 -31.80
N SER D 145 -53.82 -26.17 -31.68
CA SER D 145 -55.14 -26.46 -31.14
C SER D 145 -55.15 -26.31 -29.62
N THR D 146 -54.47 -27.20 -28.91
CA THR D 146 -54.41 -27.10 -27.45
C THR D 146 -52.98 -26.95 -26.94
N SER D 147 -52.06 -27.80 -27.41
CA SER D 147 -50.66 -27.81 -26.96
C SER D 147 -50.59 -27.83 -25.43
N GLY D 148 -51.44 -28.65 -24.81
CA GLY D 148 -51.57 -28.66 -23.37
C GLY D 148 -52.40 -27.54 -22.81
N GLY D 149 -53.21 -26.87 -23.63
CA GLY D 149 -54.01 -25.75 -23.18
C GLY D 149 -53.22 -24.53 -22.76
N THR D 150 -52.12 -24.25 -23.44
CA THR D 150 -51.29 -23.10 -23.11
C THR D 150 -50.65 -22.56 -24.38
N ALA D 151 -50.79 -21.25 -24.59
CA ALA D 151 -50.16 -20.55 -25.70
C ALA D 151 -49.76 -19.16 -25.24
N ALA D 152 -49.13 -18.41 -26.13
CA ALA D 152 -48.74 -17.04 -25.80
C ALA D 152 -48.73 -16.21 -27.08
N LEU D 153 -48.81 -14.90 -26.88
CA LEU D 153 -48.91 -13.93 -27.96
C LEU D 153 -48.32 -12.61 -27.49
N GLY D 154 -48.36 -11.60 -28.34
CA GLY D 154 -47.92 -10.29 -27.89
C GLY D 154 -47.59 -9.36 -29.03
N CYS D 155 -46.74 -8.37 -28.73
CA CYS D 155 -46.36 -7.34 -29.68
C CYS D 155 -44.85 -7.11 -29.66
N LEU D 156 -44.33 -6.63 -30.78
CA LEU D 156 -42.95 -6.19 -30.91
C LEU D 156 -42.96 -4.68 -31.19
N VAL D 157 -42.28 -3.91 -30.35
CA VAL D 157 -42.25 -2.45 -30.46
C VAL D 157 -40.87 -2.07 -30.95
N LYS D 158 -40.81 -1.56 -32.18
CA LYS D 158 -39.56 -1.41 -32.91
C LYS D 158 -39.40 0.03 -33.34
N ASP D 159 -38.14 0.47 -33.47
CA ASP D 159 -37.80 1.76 -34.08
C ASP D 159 -38.45 2.92 -33.30
N TYR D 160 -37.99 3.07 -32.07
CA TYR D 160 -38.38 4.19 -31.22
C TYR D 160 -37.15 4.82 -30.60
N PHE D 161 -37.24 6.14 -30.37
CA PHE D 161 -36.17 6.90 -29.75
C PHE D 161 -36.75 8.19 -29.21
N PRO D 162 -36.35 8.64 -28.01
CA PRO D 162 -35.50 7.87 -27.09
C PRO D 162 -36.31 7.06 -26.09
N GLU D 163 -35.63 6.52 -25.07
CA GLU D 163 -36.31 5.81 -24.00
C GLU D 163 -37.08 6.80 -23.13
N PRO D 164 -38.13 6.32 -22.42
CA PRO D 164 -38.67 4.97 -22.39
C PRO D 164 -40.00 4.81 -23.12
N VAL D 165 -40.58 3.61 -23.05
CA VAL D 165 -41.87 3.30 -23.65
C VAL D 165 -42.73 2.61 -22.60
N THR D 166 -43.98 3.05 -22.48
CA THR D 166 -44.93 2.45 -21.55
C THR D 166 -45.88 1.54 -22.30
N VAL D 167 -45.87 0.26 -21.96
CA VAL D 167 -46.68 -0.75 -22.63
C VAL D 167 -47.64 -1.36 -21.63
N SER D 168 -48.93 -1.42 -22.01
CA SER D 168 -49.97 -2.01 -21.19
C SER D 168 -50.78 -2.98 -22.04
N TRP D 169 -51.56 -3.83 -21.37
CA TRP D 169 -52.35 -4.85 -22.04
C TRP D 169 -53.78 -4.80 -21.54
N ASN D 170 -54.73 -4.80 -22.48
CA ASN D 170 -56.16 -4.72 -22.17
C ASN D 170 -56.46 -3.53 -21.27
N SER D 171 -55.84 -2.40 -21.58
CA SER D 171 -55.97 -1.17 -20.79
C SER D 171 -55.59 -1.42 -19.33
N GLY D 172 -54.65 -2.33 -19.12
CA GLY D 172 -54.19 -2.67 -17.79
C GLY D 172 -55.09 -3.63 -17.04
N ALA D 173 -56.19 -4.09 -17.65
CA ALA D 173 -57.08 -5.02 -16.97
C ALA D 173 -56.51 -6.43 -16.92
N LEU D 174 -55.46 -6.71 -17.69
CA LEU D 174 -54.82 -8.02 -17.72
C LEU D 174 -53.40 -7.87 -17.22
N THR D 175 -53.06 -8.62 -16.17
CA THR D 175 -51.71 -8.57 -15.58
C THR D 175 -51.14 -9.94 -15.27
N SER D 176 -51.80 -11.02 -15.68
CA SER D 176 -51.34 -12.37 -15.36
C SER D 176 -50.41 -12.88 -16.46
N GLY D 177 -49.15 -13.11 -16.11
CA GLY D 177 -48.20 -13.64 -17.06
C GLY D 177 -47.77 -12.67 -18.14
N VAL D 178 -47.71 -11.39 -17.84
CA VAL D 178 -47.30 -10.37 -18.80
C VAL D 178 -45.82 -10.09 -18.59
N HIS D 179 -45.01 -10.34 -19.62
CA HIS D 179 -43.57 -10.14 -19.56
C HIS D 179 -43.15 -9.15 -20.63
N THR D 180 -42.54 -8.05 -20.21
CA THR D 180 -42.10 -6.96 -21.09
C THR D 180 -40.59 -6.82 -20.91
N PHE D 181 -39.84 -7.44 -21.81
CA PHE D 181 -38.39 -7.46 -21.70
C PHE D 181 -37.82 -6.05 -21.90
N PRO D 182 -36.74 -5.72 -21.21
CA PRO D 182 -36.13 -4.39 -21.39
C PRO D 182 -35.67 -4.17 -22.82
N ALA D 183 -35.81 -2.93 -23.29
CA ALA D 183 -35.42 -2.59 -24.64
C ALA D 183 -33.91 -2.55 -24.78
N VAL D 184 -33.42 -3.01 -25.92
CA VAL D 184 -31.99 -3.08 -26.21
C VAL D 184 -31.66 -2.03 -27.25
N LEU D 185 -30.42 -1.54 -27.24
CA LEU D 185 -29.94 -0.57 -28.21
C LEU D 185 -29.31 -1.32 -29.38
N GLN D 186 -29.79 -1.04 -30.59
CA GLN D 186 -29.33 -1.75 -31.77
C GLN D 186 -28.09 -1.07 -32.35
N SER D 187 -27.60 -1.62 -33.46
CA SER D 187 -26.38 -1.11 -34.09
C SER D 187 -26.60 0.25 -34.76
N SER D 188 -27.86 0.67 -34.94
CA SER D 188 -28.18 1.93 -35.56
C SER D 188 -28.55 3.02 -34.56
N GLY D 189 -28.28 2.80 -33.28
CA GLY D 189 -28.72 3.74 -32.26
C GLY D 189 -30.22 3.79 -32.10
N LEU D 190 -30.91 2.68 -32.27
CA LEU D 190 -32.36 2.63 -32.28
C LEU D 190 -32.84 1.50 -31.37
N TYR D 191 -34.01 1.69 -30.78
CA TYR D 191 -34.49 0.81 -29.73
C TYR D 191 -35.57 -0.16 -30.25
N SER D 192 -35.77 -1.22 -29.47
CA SER D 192 -36.77 -2.24 -29.76
C SER D 192 -36.99 -3.09 -28.51
N LEU D 193 -38.24 -3.34 -28.18
CA LEU D 193 -38.61 -4.21 -27.06
C LEU D 193 -39.73 -5.13 -27.50
N SER D 194 -40.15 -5.99 -26.58
CA SER D 194 -41.24 -6.93 -26.81
C SER D 194 -42.23 -6.85 -25.66
N SER D 195 -43.37 -7.50 -25.85
CA SER D 195 -44.35 -7.69 -24.79
C SER D 195 -45.11 -8.96 -25.07
N VAL D 196 -45.13 -9.88 -24.09
CA VAL D 196 -45.74 -11.19 -24.28
C VAL D 196 -46.73 -11.46 -23.17
N VAL D 197 -47.87 -12.03 -23.54
CA VAL D 197 -48.91 -12.47 -22.61
C VAL D 197 -49.22 -13.93 -22.91
N THR D 198 -49.23 -14.74 -21.85
CA THR D 198 -49.56 -16.16 -21.94
C THR D 198 -51.04 -16.37 -21.63
N VAL D 199 -51.73 -17.09 -22.50
CA VAL D 199 -53.17 -17.29 -22.37
C VAL D 199 -53.47 -18.76 -22.63
N PRO D 200 -54.60 -19.26 -22.11
CA PRO D 200 -55.02 -20.63 -22.44
C PRO D 200 -55.30 -20.77 -23.92
N SER D 201 -55.10 -21.99 -24.43
CA SER D 201 -55.30 -22.25 -25.85
C SER D 201 -56.75 -22.04 -26.25
N SER D 202 -57.70 -22.49 -25.42
CA SER D 202 -59.12 -22.33 -25.73
C SER D 202 -59.59 -20.88 -25.67
N SER D 203 -58.78 -19.98 -25.11
CA SER D 203 -59.16 -18.58 -24.99
C SER D 203 -58.64 -17.72 -26.13
N LEU D 204 -58.10 -18.32 -27.19
CA LEU D 204 -57.56 -17.54 -28.30
C LEU D 204 -58.66 -16.75 -29.00
N GLY D 205 -59.80 -17.38 -29.26
CA GLY D 205 -60.84 -16.77 -30.06
C GLY D 205 -61.97 -16.12 -29.27
N THR D 206 -62.06 -16.40 -27.97
CA THR D 206 -63.14 -15.87 -27.17
C THR D 206 -62.84 -14.51 -26.56
N GLN D 207 -61.56 -14.14 -26.47
CA GLN D 207 -61.16 -12.86 -25.90
C GLN D 207 -60.20 -12.17 -26.85
N THR D 208 -60.49 -10.91 -27.17
CA THR D 208 -59.64 -10.11 -28.04
C THR D 208 -58.65 -9.33 -27.19
N TYR D 209 -57.37 -9.42 -27.53
CA TYR D 209 -56.30 -8.80 -26.76
C TYR D 209 -55.78 -7.57 -27.50
N ILE D 210 -55.55 -6.51 -26.74
CA ILE D 210 -55.04 -5.24 -27.25
C ILE D 210 -53.74 -4.94 -26.51
N CYS D 211 -52.72 -4.50 -27.24
CA CYS D 211 -51.49 -4.02 -26.63
C CYS D 211 -51.38 -2.53 -26.89
N ASN D 212 -51.22 -1.75 -25.83
CA ASN D 212 -51.20 -0.30 -25.89
C ASN D 212 -49.78 0.18 -25.63
N VAL D 213 -49.28 1.04 -26.51
CA VAL D 213 -47.93 1.59 -26.42
C VAL D 213 -48.03 3.10 -26.38
N ASN D 214 -47.33 3.71 -25.42
CA ASN D 214 -47.32 5.15 -25.22
C ASN D 214 -45.88 5.62 -25.12
N HIS D 215 -45.58 6.70 -25.86
CA HIS D 215 -44.21 7.20 -26.01
C HIS D 215 -44.27 8.72 -25.89
N LYS D 216 -43.90 9.23 -24.71
CA LYS D 216 -43.95 10.67 -24.47
C LYS D 216 -43.05 11.48 -25.40
N PRO D 217 -41.77 11.16 -25.58
CA PRO D 217 -40.92 12.03 -26.43
C PRO D 217 -41.43 12.19 -27.85
N SER D 218 -41.98 11.14 -28.44
CA SER D 218 -42.62 11.23 -29.74
C SER D 218 -44.12 11.49 -29.64
N ASN D 219 -44.67 11.48 -28.43
CA ASN D 219 -46.09 11.73 -28.19
C ASN D 219 -46.96 10.82 -29.04
N THR D 220 -46.67 9.52 -28.95
CA THR D 220 -47.32 8.51 -29.78
C THR D 220 -48.11 7.55 -28.89
N LYS D 221 -49.38 7.33 -29.24
CA LYS D 221 -50.24 6.38 -28.54
C LYS D 221 -50.82 5.45 -29.60
N VAL D 222 -50.43 4.17 -29.56
CA VAL D 222 -50.87 3.20 -30.57
C VAL D 222 -51.41 1.97 -29.87
N ASP D 223 -52.57 1.50 -30.33
CA ASP D 223 -53.19 0.28 -29.82
C ASP D 223 -53.23 -0.75 -30.93
N LYS D 224 -52.60 -1.90 -30.72
CA LYS D 224 -52.52 -2.94 -31.73
C LYS D 224 -53.27 -4.17 -31.24
N ARG D 225 -54.24 -4.62 -32.05
CA ARG D 225 -55.03 -5.80 -31.72
C ARG D 225 -54.29 -7.05 -32.17
N VAL D 226 -54.33 -8.08 -31.33
CA VAL D 226 -53.66 -9.35 -31.61
C VAL D 226 -54.69 -10.47 -31.61
N GLU D 227 -54.77 -11.20 -32.70
CA GLU D 227 -55.66 -12.34 -32.90
C GLU D 227 -54.90 -13.44 -33.61
N PRO D 228 -55.24 -14.71 -33.36
CA PRO D 228 -54.55 -15.80 -34.04
C PRO D 228 -54.79 -15.80 -35.53
N LYS D 229 -53.76 -16.17 -36.28
CA LYS D 229 -53.82 -16.27 -37.73
C LYS D 229 -53.45 -17.67 -38.17
N SER D 230 -54.10 -18.14 -39.24
CA SER D 230 -53.96 -19.50 -39.71
C SER D 230 -52.85 -19.59 -40.76
N CYS D 231 -52.64 -20.80 -41.27
CA CYS D 231 -51.61 -21.05 -42.26
C CYS D 231 -52.14 -20.90 -43.68
N GLU E 1 -4.26 3.10 -9.07
CA GLU E 1 -5.48 3.13 -8.28
C GLU E 1 -5.70 1.80 -7.56
N ILE E 2 -6.68 1.77 -6.67
CA ILE E 2 -7.01 0.59 -5.88
C ILE E 2 -8.16 -0.14 -6.55
N VAL E 3 -8.01 -1.44 -6.74
CA VAL E 3 -9.03 -2.28 -7.38
C VAL E 3 -9.61 -3.20 -6.32
N LEU E 4 -10.94 -3.23 -6.24
CA LEU E 4 -11.66 -4.05 -5.27
C LEU E 4 -12.38 -5.17 -6.00
N THR E 5 -12.13 -6.41 -5.58
CA THR E 5 -12.72 -7.59 -6.19
C THR E 5 -13.67 -8.23 -5.19
N GLN E 6 -14.92 -8.44 -5.60
CA GLN E 6 -15.92 -9.04 -4.74
C GLN E 6 -16.09 -10.51 -5.09
N SER E 7 -16.37 -11.31 -4.06
CA SER E 7 -16.51 -12.74 -4.18
C SER E 7 -17.70 -13.21 -3.35
N PRO E 8 -18.58 -14.04 -3.94
CA PRO E 8 -18.55 -14.43 -5.35
C PRO E 8 -19.28 -13.43 -6.24
N GLY E 9 -19.25 -13.66 -7.55
CA GLY E 9 -20.01 -12.81 -8.45
C GLY E 9 -21.51 -12.92 -8.25
N THR E 10 -22.01 -14.14 -8.07
CA THR E 10 -23.42 -14.39 -7.83
C THR E 10 -23.55 -15.46 -6.75
N LEU E 11 -24.47 -15.23 -5.81
CA LEU E 11 -24.65 -16.12 -4.67
C LEU E 11 -26.14 -16.35 -4.48
N SER E 12 -26.58 -17.60 -4.64
CA SER E 12 -28.00 -17.94 -4.64
C SER E 12 -28.32 -18.80 -3.43
N LEU E 13 -29.26 -18.35 -2.61
CA LEU E 13 -29.71 -19.06 -1.42
C LEU E 13 -31.23 -19.06 -1.35
N SER E 14 -31.73 -19.72 -0.31
CA SER E 14 -33.16 -19.74 -0.01
C SER E 14 -33.44 -18.75 1.11
N PRO E 15 -34.69 -18.30 1.25
CA PRO E 15 -35.04 -17.47 2.40
C PRO E 15 -34.88 -18.24 3.69
N GLY E 16 -33.94 -17.78 4.54
CA GLY E 16 -33.74 -18.39 5.84
C GLY E 16 -32.30 -18.63 6.24
N GLU E 17 -31.42 -18.96 5.29
CA GLU E 17 -30.06 -19.33 5.63
C GLU E 17 -29.17 -18.09 5.75
N ARG E 18 -27.88 -18.31 5.91
CA ARG E 18 -26.90 -17.24 6.12
C ARG E 18 -26.12 -16.98 4.84
N ALA E 19 -25.84 -15.70 4.60
CA ALA E 19 -25.10 -15.27 3.41
C ALA E 19 -23.82 -14.57 3.84
N THR E 20 -22.74 -14.84 3.12
CA THR E 20 -21.43 -14.25 3.38
C THR E 20 -20.86 -13.70 2.08
N LEU E 21 -20.40 -12.45 2.12
CA LEU E 21 -19.85 -11.77 0.95
C LEU E 21 -18.45 -11.26 1.29
N SER E 22 -17.54 -11.32 0.32
CA SER E 22 -16.15 -10.94 0.56
C SER E 22 -15.73 -9.86 -0.42
N CYS E 23 -14.91 -8.93 0.07
CA CYS E 23 -14.32 -7.88 -0.74
C CYS E 23 -12.83 -7.83 -0.47
N ARG E 24 -12.02 -7.99 -1.51
CA ARG E 24 -10.57 -8.01 -1.39
C ARG E 24 -9.98 -6.82 -2.12
N ALA E 25 -9.00 -6.17 -1.49
CA ALA E 25 -8.40 -4.96 -2.01
C ALA E 25 -7.02 -5.24 -2.60
N SER E 26 -6.71 -4.57 -3.72
CA SER E 26 -5.41 -4.74 -4.35
C SER E 26 -4.29 -4.26 -3.43
N GLN E 27 -4.48 -3.13 -2.77
CA GLN E 27 -3.51 -2.57 -1.85
C GLN E 27 -4.01 -2.71 -0.42
N SER E 28 -3.25 -2.15 0.52
CA SER E 28 -3.58 -2.20 1.94
C SER E 28 -3.81 -0.78 2.46
N PHE E 29 -4.98 -0.56 3.06
CA PHE E 29 -5.31 0.71 3.68
C PHE E 29 -5.99 0.44 5.01
N ASP E 30 -6.27 1.51 5.74
CA ASP E 30 -6.92 1.38 7.04
C ASP E 30 -8.34 0.83 6.88
N SER E 31 -8.75 0.03 7.87
CA SER E 31 -10.06 -0.61 7.80
C SER E 31 -11.20 0.38 8.00
N ARG E 32 -10.92 1.58 8.48
CA ARG E 32 -11.96 2.60 8.67
C ARG E 32 -12.33 3.31 7.39
N TYR E 33 -11.80 2.87 6.24
CA TYR E 33 -12.05 3.51 4.97
C TYR E 33 -12.99 2.73 4.06
N LEU E 34 -13.57 1.63 4.53
CA LEU E 34 -14.37 0.75 3.68
C LEU E 34 -15.81 0.71 4.16
N GLY E 35 -16.74 0.73 3.22
CA GLY E 35 -18.15 0.70 3.52
C GLY E 35 -18.90 -0.20 2.56
N TRP E 36 -20.10 -0.58 2.98
CA TRP E 36 -20.95 -1.50 2.25
C TRP E 36 -22.28 -0.83 1.92
N TYR E 37 -22.69 -0.94 0.65
CA TYR E 37 -23.92 -0.34 0.14
C TYR E 37 -24.80 -1.42 -0.47
N GLN E 38 -26.11 -1.19 -0.43
CA GLN E 38 -27.09 -2.09 -1.00
C GLN E 38 -27.96 -1.34 -2.00
N GLN E 39 -28.21 -1.96 -3.15
CA GLN E 39 -29.07 -1.39 -4.16
C GLN E 39 -30.05 -2.44 -4.66
N LYS E 40 -31.34 -2.09 -4.67
CA LYS E 40 -32.37 -2.98 -5.18
C LYS E 40 -32.62 -2.67 -6.66
N SER E 41 -33.65 -3.26 -7.23
CA SER E 41 -33.92 -3.10 -8.66
C SER E 41 -34.69 -1.82 -8.90
N GLY E 42 -34.17 -0.98 -9.80
CA GLY E 42 -34.82 0.28 -10.11
C GLY E 42 -34.92 1.23 -8.94
N GLN E 43 -33.85 1.34 -8.16
CA GLN E 43 -33.82 2.22 -6.99
C GLN E 43 -32.44 2.83 -6.88
N ALA E 44 -32.25 3.65 -5.85
CA ALA E 44 -30.97 4.25 -5.58
C ALA E 44 -30.28 3.53 -4.42
N PRO E 45 -28.95 3.48 -4.42
CA PRO E 45 -28.24 2.81 -3.33
C PRO E 45 -28.49 3.50 -1.99
N ARG E 46 -28.41 2.70 -0.93
CA ARG E 46 -28.52 3.21 0.42
C ARG E 46 -27.35 2.68 1.24
N LEU E 47 -26.82 3.53 2.11
CA LEU E 47 -25.71 3.13 2.95
C LEU E 47 -26.14 2.02 3.90
N LEU E 48 -25.28 1.02 4.05
CA LEU E 48 -25.59 -0.13 4.88
C LEU E 48 -24.60 -0.29 6.03
N ILE E 49 -23.30 -0.19 5.77
CA ILE E 49 -22.28 -0.21 6.83
C ILE E 49 -21.19 0.78 6.46
N TYR E 50 -20.68 1.50 7.46
CA TYR E 50 -19.54 2.39 7.26
C TYR E 50 -18.46 2.05 8.28
N GLY E 51 -17.20 2.28 7.90
CA GLY E 51 -16.10 1.93 8.76
C GLY E 51 -15.80 0.45 8.86
N ALA E 52 -16.44 -0.36 8.01
CA ALA E 52 -16.25 -1.81 7.88
C ALA E 52 -16.83 -2.59 9.05
N SER E 53 -17.25 -1.91 10.12
CA SER E 53 -17.91 -2.60 11.22
C SER E 53 -19.03 -1.83 11.89
N SER E 54 -19.36 -0.62 11.44
CA SER E 54 -20.33 0.22 12.11
C SER E 54 -21.61 0.29 11.28
N ARG E 55 -22.73 -0.04 11.91
CA ARG E 55 -24.01 -0.02 11.23
C ARG E 55 -24.57 1.40 11.16
N ALA E 56 -25.29 1.67 10.07
CA ALA E 56 -25.96 2.94 9.91
C ALA E 56 -27.23 2.97 10.75
N THR E 57 -27.83 4.16 10.85
CA THR E 57 -29.06 4.31 11.61
C THR E 57 -30.22 3.66 10.87
N GLY E 58 -30.96 2.81 11.58
CA GLY E 58 -32.11 2.14 11.02
C GLY E 58 -31.81 0.79 10.40
N ILE E 59 -30.55 0.41 10.26
CA ILE E 59 -30.20 -0.87 9.66
C ILE E 59 -30.41 -1.97 10.70
N PRO E 60 -31.15 -3.03 10.38
CA PRO E 60 -31.39 -4.09 11.36
C PRO E 60 -30.10 -4.80 11.74
N ASP E 61 -30.17 -5.54 12.85
CA ASP E 61 -28.99 -6.21 13.40
C ASP E 61 -28.52 -7.38 12.55
N ARG E 62 -29.28 -7.78 11.53
CA ARG E 62 -28.89 -8.93 10.71
C ARG E 62 -27.54 -8.69 10.04
N PHE E 63 -27.33 -7.50 9.51
CA PHE E 63 -26.11 -7.20 8.76
C PHE E 63 -24.95 -6.97 9.70
N SER E 64 -23.82 -7.62 9.43
CA SER E 64 -22.60 -7.45 10.20
C SER E 64 -21.43 -7.32 9.24
N GLY E 65 -20.38 -6.65 9.69
CA GLY E 65 -19.20 -6.48 8.87
C GLY E 65 -17.94 -6.64 9.69
N SER E 66 -16.90 -7.17 9.05
CA SER E 66 -15.63 -7.34 9.72
C SER E 66 -14.53 -7.56 8.70
N GLY E 67 -13.39 -6.93 8.90
CA GLY E 67 -12.30 -7.11 7.97
C GLY E 67 -11.04 -6.43 8.45
N SER E 68 -9.95 -6.70 7.74
CA SER E 68 -8.65 -6.14 8.05
C SER E 68 -7.71 -6.44 6.89
N GLY E 69 -6.53 -5.83 6.95
CA GLY E 69 -5.51 -6.07 5.94
C GLY E 69 -5.99 -5.73 4.54
N THR E 70 -6.21 -6.77 3.73
CA THR E 70 -6.75 -6.60 2.39
C THR E 70 -8.03 -7.39 2.16
N ASP E 71 -8.66 -7.91 3.21
CA ASP E 71 -9.88 -8.69 3.04
C ASP E 71 -10.93 -8.27 4.06
N PHE E 72 -12.17 -8.10 3.58
CA PHE E 72 -13.30 -7.70 4.41
C PHE E 72 -14.49 -8.56 4.06
N THR E 73 -15.40 -8.73 5.02
CA THR E 73 -16.54 -9.60 4.82
C THR E 73 -17.80 -8.96 5.40
N LEU E 74 -18.93 -9.26 4.74
CA LEU E 74 -20.25 -8.87 5.17
C LEU E 74 -21.08 -10.13 5.39
N THR E 75 -21.85 -10.16 6.47
CA THR E 75 -22.58 -11.35 6.86
C THR E 75 -24.04 -11.00 7.15
N ILE E 76 -24.95 -11.82 6.65
CA ILE E 76 -26.36 -11.75 6.99
C ILE E 76 -26.79 -13.10 7.55
N SER E 77 -27.44 -13.09 8.71
CA SER E 77 -27.81 -14.32 9.40
C SER E 77 -29.19 -14.83 9.00
N ARG E 78 -30.21 -14.02 9.23
CA ARG E 78 -31.60 -14.39 8.92
C ARG E 78 -32.10 -13.47 7.81
N LEU E 79 -31.88 -13.89 6.57
CA LEU E 79 -32.24 -13.07 5.42
C LEU E 79 -33.71 -13.29 5.06
N GLU E 80 -34.43 -12.19 4.88
CA GLU E 80 -35.85 -12.18 4.55
C GLU E 80 -36.04 -11.97 3.05
N PRO E 81 -37.27 -12.12 2.55
CA PRO E 81 -37.51 -11.90 1.12
C PRO E 81 -37.11 -10.52 0.62
N GLU E 82 -37.00 -9.53 1.50
CA GLU E 82 -36.60 -8.19 1.09
C GLU E 82 -35.09 -7.97 1.13
N ASP E 83 -34.31 -8.99 1.45
CA ASP E 83 -32.86 -8.87 1.56
C ASP E 83 -32.12 -9.21 0.28
N PHE E 84 -32.82 -9.57 -0.79
CA PHE E 84 -32.19 -9.98 -2.03
C PHE E 84 -32.02 -8.77 -2.93
N ALA E 85 -30.77 -8.37 -3.14
CA ALA E 85 -30.43 -7.18 -3.91
C ALA E 85 -28.98 -7.29 -4.37
N VAL E 86 -28.42 -6.17 -4.80
CA VAL E 86 -27.00 -6.10 -5.18
C VAL E 86 -26.25 -5.37 -4.08
N TYR E 87 -25.00 -5.78 -3.84
CA TYR E 87 -24.20 -5.25 -2.75
C TYR E 87 -22.85 -4.80 -3.26
N TYR E 88 -22.39 -3.65 -2.79
CA TYR E 88 -21.14 -3.04 -3.24
C TYR E 88 -20.26 -2.71 -2.05
N CYS E 89 -18.95 -2.87 -2.23
CA CYS E 89 -17.96 -2.40 -1.27
C CYS E 89 -17.24 -1.20 -1.86
N GLN E 90 -17.06 -0.16 -1.04
CA GLN E 90 -16.51 1.11 -1.50
C GLN E 90 -15.40 1.54 -0.55
N GLN E 91 -14.38 2.20 -1.09
CA GLN E 91 -13.22 2.60 -0.30
C GLN E 91 -12.96 4.09 -0.45
N PHE E 92 -12.46 4.70 0.63
CA PHE E 92 -12.05 6.10 0.65
C PHE E 92 -10.56 6.26 0.87
N GLY E 93 -9.79 5.18 0.80
CA GLY E 93 -8.39 5.24 1.20
C GLY E 93 -7.54 6.12 0.29
N ASP E 94 -7.71 5.96 -1.02
CA ASP E 94 -6.86 6.65 -1.97
C ASP E 94 -7.71 7.08 -3.16
N SER E 95 -7.45 8.30 -3.64
CA SER E 95 -8.21 8.85 -4.76
C SER E 95 -7.74 8.24 -6.08
N PRO E 96 -8.66 7.95 -7.01
CA PRO E 96 -10.10 8.15 -6.89
C PRO E 96 -10.78 7.08 -6.04
N PHE E 97 -11.93 7.42 -5.46
CA PHE E 97 -12.68 6.48 -4.66
C PHE E 97 -13.43 5.51 -5.56
N THR E 98 -13.29 4.22 -5.28
CA THR E 98 -13.79 3.18 -6.18
C THR E 98 -14.78 2.28 -5.46
N PHE E 99 -15.77 1.81 -6.21
CA PHE E 99 -16.73 0.83 -5.75
C PHE E 99 -16.32 -0.57 -6.22
N GLY E 100 -16.93 -1.58 -5.61
CA GLY E 100 -16.76 -2.92 -6.09
C GLY E 100 -17.61 -3.19 -7.32
N GLN E 101 -17.37 -4.35 -7.94
CA GLN E 101 -18.12 -4.71 -9.14
C GLN E 101 -19.55 -5.13 -8.84
N GLY E 102 -19.85 -5.47 -7.60
CA GLY E 102 -21.20 -5.85 -7.22
C GLY E 102 -21.37 -7.35 -7.10
N THR E 103 -22.28 -7.74 -6.21
CA THR E 103 -22.62 -9.15 -6.01
C THR E 103 -24.13 -9.26 -5.90
N LYS E 104 -24.72 -10.13 -6.71
CA LYS E 104 -26.16 -10.31 -6.73
C LYS E 104 -26.56 -11.43 -5.79
N LEU E 105 -27.61 -11.19 -5.01
CA LEU E 105 -28.15 -12.16 -4.07
C LEU E 105 -29.45 -12.69 -4.65
N GLU E 106 -29.46 -13.94 -5.06
CA GLU E 106 -30.56 -14.53 -5.82
C GLU E 106 -31.30 -15.57 -4.99
N ILE E 107 -32.62 -15.57 -5.11
CA ILE E 107 -33.47 -16.55 -4.44
C ILE E 107 -33.36 -17.88 -5.17
N LYS E 108 -33.29 -18.97 -4.39
CA LYS E 108 -33.11 -20.29 -4.95
C LYS E 108 -34.42 -21.06 -4.92
N ARG E 109 -34.67 -21.84 -5.96
CA ARG E 109 -35.92 -22.56 -6.11
C ARG E 109 -35.65 -23.89 -6.82
N THR E 110 -36.71 -24.56 -7.24
CA THR E 110 -36.60 -25.79 -7.99
C THR E 110 -36.38 -25.49 -9.47
N VAL E 111 -35.76 -26.45 -10.16
CA VAL E 111 -35.46 -26.28 -11.59
C VAL E 111 -36.76 -26.32 -12.38
N ALA E 112 -36.90 -25.39 -13.33
CA ALA E 112 -38.07 -25.30 -14.18
C ALA E 112 -37.71 -25.63 -15.62
N ALA E 113 -38.69 -26.11 -16.37
CA ALA E 113 -38.49 -26.45 -17.77
C ALA E 113 -38.96 -25.30 -18.65
N PRO E 114 -38.10 -24.73 -19.48
CA PRO E 114 -38.51 -23.61 -20.33
C PRO E 114 -39.53 -24.05 -21.36
N SER E 115 -40.46 -23.16 -21.67
CA SER E 115 -41.42 -23.38 -22.75
C SER E 115 -41.09 -22.46 -23.91
N VAL E 116 -41.10 -23.02 -25.12
CA VAL E 116 -40.66 -22.30 -26.32
C VAL E 116 -41.88 -21.94 -27.15
N PHE E 117 -41.94 -20.67 -27.56
CA PHE E 117 -43.01 -20.18 -28.43
C PHE E 117 -42.41 -19.41 -29.59
N ILE E 118 -42.85 -19.74 -30.81
CA ILE E 118 -42.24 -19.23 -32.03
C ILE E 118 -43.10 -18.10 -32.59
N PHE E 119 -42.45 -17.17 -33.29
CA PHE E 119 -43.15 -16.09 -33.95
C PHE E 119 -42.45 -15.69 -35.25
N PRO E 120 -43.06 -15.98 -36.40
CA PRO E 120 -42.59 -15.42 -37.67
C PRO E 120 -43.02 -13.97 -37.81
N PRO E 121 -42.36 -13.20 -38.70
CA PRO E 121 -42.74 -11.80 -38.87
C PRO E 121 -44.12 -11.64 -39.49
N SER E 122 -44.81 -10.58 -39.09
CA SER E 122 -46.19 -10.33 -39.48
C SER E 122 -46.27 -9.47 -40.73
N ASP E 123 -47.49 -9.30 -41.25
CA ASP E 123 -47.69 -8.50 -42.45
C ASP E 123 -47.31 -7.04 -42.23
N GLU E 124 -47.69 -6.49 -41.08
CA GLU E 124 -47.38 -5.09 -40.79
C GLU E 124 -45.88 -4.84 -40.77
N GLN E 125 -45.10 -5.87 -40.48
CA GLN E 125 -43.65 -5.77 -40.57
C GLN E 125 -43.10 -6.38 -41.86
N LEU E 126 -43.79 -7.37 -42.44
CA LEU E 126 -43.33 -7.91 -43.71
C LEU E 126 -43.81 -7.09 -44.90
N LYS E 127 -44.25 -5.86 -44.67
CA LYS E 127 -44.47 -4.91 -45.75
C LYS E 127 -43.43 -3.79 -45.80
N SER E 128 -42.66 -3.61 -44.72
CA SER E 128 -41.81 -2.44 -44.56
C SER E 128 -40.35 -2.71 -44.92
N GLY E 129 -40.05 -3.85 -45.51
CA GLY E 129 -38.71 -4.13 -46.01
C GLY E 129 -37.78 -4.83 -45.05
N THR E 130 -38.14 -4.91 -43.76
CA THR E 130 -37.35 -5.61 -42.77
C THR E 130 -38.24 -6.59 -42.02
N ALA E 131 -37.72 -7.78 -41.76
CA ALA E 131 -38.47 -8.84 -41.09
C ALA E 131 -37.73 -9.27 -39.84
N SER E 132 -38.49 -9.60 -38.79
CA SER E 132 -37.93 -10.03 -37.51
C SER E 132 -38.64 -11.28 -37.04
N VAL E 133 -37.87 -12.35 -36.83
CA VAL E 133 -38.38 -13.61 -36.31
C VAL E 133 -37.94 -13.73 -34.85
N VAL E 134 -38.88 -14.04 -33.96
CA VAL E 134 -38.63 -14.02 -32.53
C VAL E 134 -39.11 -15.32 -31.90
N CYS E 135 -38.28 -15.91 -31.05
CA CYS E 135 -38.75 -17.04 -30.25
C CYS E 135 -38.49 -16.77 -28.77
N LEU E 136 -39.40 -17.30 -27.95
CA LEU E 136 -39.48 -16.98 -26.53
C LEU E 136 -39.28 -18.24 -25.69
N LEU E 137 -38.37 -18.15 -24.72
CA LEU E 137 -38.19 -19.14 -23.67
C LEU E 137 -38.86 -18.63 -22.41
N ASN E 138 -39.69 -19.45 -21.79
CA ASN E 138 -40.53 -18.97 -20.70
C ASN E 138 -40.40 -19.85 -19.47
N ASN E 139 -40.34 -19.22 -18.29
CA ASN E 139 -40.49 -19.89 -17.00
C ASN E 139 -39.46 -21.00 -16.83
N PHE E 140 -38.20 -20.57 -16.78
CA PHE E 140 -37.09 -21.51 -16.60
C PHE E 140 -36.19 -21.03 -15.47
N TYR E 141 -35.61 -21.99 -14.76
CA TYR E 141 -34.63 -21.75 -13.71
C TYR E 141 -33.52 -22.78 -13.88
N PRO E 142 -32.25 -22.41 -13.66
CA PRO E 142 -31.75 -21.07 -13.31
C PRO E 142 -31.68 -20.13 -14.51
N ARG E 143 -30.91 -19.05 -14.38
CA ARG E 143 -30.86 -18.04 -15.43
C ARG E 143 -30.20 -18.56 -16.70
N GLU E 144 -29.25 -19.48 -16.58
CA GLU E 144 -28.49 -19.94 -17.73
C GLU E 144 -29.38 -20.63 -18.74
N ALA E 145 -29.18 -20.29 -20.02
CA ALA E 145 -29.91 -20.90 -21.13
C ALA E 145 -29.15 -20.60 -22.40
N LYS E 146 -29.07 -21.57 -23.31
CA LYS E 146 -28.36 -21.42 -24.56
C LYS E 146 -29.35 -21.39 -25.72
N VAL E 147 -29.26 -20.36 -26.55
CA VAL E 147 -30.14 -20.19 -27.70
C VAL E 147 -29.31 -20.23 -28.97
N GLN E 148 -29.83 -20.89 -30.00
CA GLN E 148 -29.15 -20.98 -31.28
C GLN E 148 -30.17 -20.84 -32.41
N TRP E 149 -29.97 -19.86 -33.27
CA TRP E 149 -30.84 -19.67 -34.43
C TRP E 149 -30.31 -20.44 -35.62
N LYS E 150 -31.21 -21.06 -36.37
CA LYS E 150 -30.85 -21.78 -37.58
C LYS E 150 -31.82 -21.43 -38.69
N VAL E 151 -31.30 -21.27 -39.90
CA VAL E 151 -32.09 -20.97 -41.09
C VAL E 151 -31.70 -21.96 -42.17
N ASP E 152 -32.67 -22.77 -42.62
CA ASP E 152 -32.42 -23.85 -43.57
C ASP E 152 -31.33 -24.79 -43.05
N ASN E 153 -31.42 -25.11 -41.75
CA ASN E 153 -30.45 -25.97 -41.06
C ASN E 153 -29.03 -25.40 -41.15
N ALA E 154 -28.91 -24.07 -41.15
CA ALA E 154 -27.63 -23.39 -41.10
C ALA E 154 -27.59 -22.50 -39.87
N LEU E 155 -26.58 -22.68 -39.03
CA LEU E 155 -26.51 -21.94 -37.77
C LEU E 155 -26.09 -20.50 -38.03
N GLN E 156 -26.99 -19.56 -37.72
CA GLN E 156 -26.69 -18.15 -37.86
C GLN E 156 -25.80 -17.68 -36.72
N SER E 157 -25.13 -16.55 -36.94
CA SER E 157 -24.25 -15.98 -35.92
C SER E 157 -24.05 -14.49 -36.21
N GLY E 158 -24.16 -13.69 -35.16
CA GLY E 158 -23.91 -12.26 -35.26
C GLY E 158 -25.04 -11.44 -35.80
N ASN E 159 -26.18 -12.04 -36.13
CA ASN E 159 -27.33 -11.32 -36.68
C ASN E 159 -28.54 -11.36 -35.76
N SER E 160 -28.36 -11.70 -34.49
CA SER E 160 -29.46 -11.85 -33.55
C SER E 160 -29.18 -11.05 -32.28
N GLN E 161 -30.24 -10.80 -31.52
CA GLN E 161 -30.14 -10.11 -30.25
C GLN E 161 -30.98 -10.83 -29.21
N GLU E 162 -30.59 -10.66 -27.94
CA GLU E 162 -31.16 -11.38 -26.82
C GLU E 162 -31.59 -10.41 -25.73
N SER E 163 -32.69 -10.75 -25.06
CA SER E 163 -33.14 -9.98 -23.91
C SER E 163 -33.66 -10.91 -22.83
N VAL E 164 -33.35 -10.61 -21.58
CA VAL E 164 -33.74 -11.42 -20.43
C VAL E 164 -34.50 -10.53 -19.45
N THR E 165 -35.57 -11.07 -18.88
CA THR E 165 -36.33 -10.31 -17.91
C THR E 165 -35.80 -10.58 -16.50
N GLU E 166 -36.18 -9.70 -15.57
CA GLU E 166 -35.78 -9.84 -14.18
C GLU E 166 -36.50 -11.03 -13.54
N GLN E 167 -35.91 -11.54 -12.45
CA GLN E 167 -36.41 -12.75 -11.83
C GLN E 167 -37.85 -12.58 -11.37
N ASP E 168 -38.75 -13.39 -11.95
CA ASP E 168 -40.18 -13.21 -11.76
C ASP E 168 -40.53 -13.27 -10.28
N SER E 169 -41.35 -12.32 -9.84
CA SER E 169 -41.59 -12.10 -8.41
C SER E 169 -42.47 -13.15 -7.77
N LYS E 170 -43.15 -13.99 -8.55
CA LYS E 170 -44.04 -15.00 -8.00
C LYS E 170 -43.54 -16.42 -8.17
N ASP E 171 -42.75 -16.70 -9.20
CA ASP E 171 -42.22 -18.04 -9.43
C ASP E 171 -40.71 -18.11 -9.33
N SER E 172 -40.02 -16.98 -9.18
CA SER E 172 -38.56 -16.93 -9.15
C SER E 172 -37.96 -17.58 -10.39
N THR E 173 -38.56 -17.31 -11.54
CA THR E 173 -38.13 -17.84 -12.82
C THR E 173 -37.73 -16.69 -13.76
N TYR E 174 -37.45 -17.03 -15.01
CA TYR E 174 -36.98 -16.05 -15.99
C TYR E 174 -37.68 -16.25 -17.31
N SER E 175 -37.67 -15.19 -18.12
CA SER E 175 -38.14 -15.24 -19.49
C SER E 175 -37.10 -14.61 -20.40
N LEU E 176 -37.01 -15.13 -21.62
CA LEU E 176 -35.94 -14.79 -22.56
C LEU E 176 -36.53 -14.64 -23.95
N SER E 177 -36.19 -13.57 -24.63
CA SER E 177 -36.66 -13.33 -25.99
C SER E 177 -35.45 -13.24 -26.92
N SER E 178 -35.49 -14.02 -28.01
CA SER E 178 -34.44 -14.03 -29.02
C SER E 178 -35.01 -13.50 -30.32
N THR E 179 -34.38 -12.48 -30.88
CA THR E 179 -34.85 -11.83 -32.10
C THR E 179 -33.77 -11.95 -33.18
N LEU E 180 -34.20 -12.20 -34.40
CA LEU E 180 -33.32 -12.29 -35.57
C LEU E 180 -33.91 -11.43 -36.67
N THR E 181 -33.11 -10.50 -37.19
CA THR E 181 -33.57 -9.48 -38.12
C THR E 181 -32.89 -9.66 -39.46
N LEU E 182 -33.69 -9.61 -40.54
CA LEU E 182 -33.17 -9.70 -41.90
C LEU E 182 -33.97 -8.76 -42.79
N SER E 183 -33.55 -8.66 -44.04
CA SER E 183 -34.26 -7.88 -45.04
C SER E 183 -35.12 -8.80 -45.91
N LYS E 184 -35.90 -8.18 -46.80
CA LYS E 184 -36.78 -8.95 -47.67
C LYS E 184 -36.00 -9.87 -48.59
N ALA E 185 -34.90 -9.37 -49.17
CA ALA E 185 -34.03 -10.23 -49.96
C ALA E 185 -33.41 -11.32 -49.08
N ASP E 186 -33.05 -10.96 -47.85
CA ASP E 186 -32.54 -11.96 -46.92
C ASP E 186 -33.65 -12.87 -46.40
N TYR E 187 -34.89 -12.40 -46.43
CA TYR E 187 -35.99 -13.20 -45.89
C TYR E 187 -36.46 -14.26 -46.89
N GLU E 188 -36.91 -13.82 -48.07
CA GLU E 188 -37.52 -14.74 -49.03
C GLU E 188 -36.51 -15.61 -49.76
N LYS E 189 -35.25 -15.63 -49.32
CA LYS E 189 -34.24 -16.48 -49.94
C LYS E 189 -34.06 -17.81 -49.21
N HIS E 190 -34.88 -18.10 -48.21
CA HIS E 190 -34.80 -19.37 -47.49
C HIS E 190 -36.23 -19.83 -47.18
N LYS E 191 -36.32 -21.04 -46.61
CA LYS E 191 -37.62 -21.70 -46.47
C LYS E 191 -38.03 -21.95 -45.02
N VAL E 192 -37.18 -22.59 -44.22
CA VAL E 192 -37.53 -23.02 -42.88
C VAL E 192 -36.59 -22.38 -41.86
N TYR E 193 -37.17 -21.84 -40.80
CA TYR E 193 -36.42 -21.14 -39.75
C TYR E 193 -36.73 -21.78 -38.41
N ALA E 194 -35.71 -21.89 -37.56
CA ALA E 194 -35.88 -22.57 -36.28
C ALA E 194 -34.99 -21.93 -35.22
N CYS E 195 -35.35 -22.17 -33.97
CA CYS E 195 -34.45 -21.83 -32.86
C CYS E 195 -34.38 -23.00 -31.89
N GLU E 196 -33.19 -23.17 -31.30
CA GLU E 196 -32.85 -24.29 -30.44
C GLU E 196 -32.48 -23.79 -29.05
N VAL E 197 -33.00 -24.48 -28.04
CA VAL E 197 -32.79 -24.14 -26.64
C VAL E 197 -32.07 -25.30 -25.95
N THR E 198 -31.06 -24.96 -25.16
CA THR E 198 -30.34 -25.88 -24.30
C THR E 198 -30.43 -25.37 -22.87
N HIS E 199 -30.76 -26.27 -21.93
CA HIS E 199 -30.98 -25.88 -20.55
C HIS E 199 -30.60 -27.03 -19.64
N GLN E 200 -30.30 -26.69 -18.38
CA GLN E 200 -30.02 -27.71 -17.37
C GLN E 200 -31.25 -28.57 -17.12
N GLY E 201 -32.43 -27.96 -17.07
CA GLY E 201 -33.66 -28.67 -16.82
C GLY E 201 -34.20 -29.48 -17.99
N LEU E 202 -33.58 -29.36 -19.15
CA LEU E 202 -33.98 -30.12 -20.33
C LEU E 202 -32.98 -31.24 -20.58
N SER E 203 -33.50 -32.47 -20.72
CA SER E 203 -32.64 -33.62 -20.95
C SER E 203 -31.93 -33.53 -22.29
N SER E 204 -32.64 -33.07 -23.32
CA SER E 204 -32.07 -32.97 -24.65
C SER E 204 -32.33 -31.58 -25.23
N PRO E 205 -31.46 -31.12 -26.13
CA PRO E 205 -31.72 -29.85 -26.81
C PRO E 205 -33.07 -29.89 -27.53
N VAL E 206 -33.80 -28.77 -27.44
CA VAL E 206 -35.14 -28.68 -27.97
C VAL E 206 -35.15 -27.66 -29.11
N THR E 207 -35.50 -28.10 -30.31
CA THR E 207 -35.53 -27.24 -31.49
C THR E 207 -36.98 -27.05 -31.94
N LYS E 208 -37.38 -25.79 -32.08
CA LYS E 208 -38.69 -25.44 -32.61
C LYS E 208 -38.50 -24.80 -33.97
N SER E 209 -39.20 -25.35 -34.97
CA SER E 209 -39.03 -24.96 -36.37
C SER E 209 -40.36 -24.56 -36.97
N PHE E 210 -40.30 -23.68 -37.98
CA PHE E 210 -41.47 -23.27 -38.72
C PHE E 210 -41.08 -23.01 -40.18
N ASN E 211 -41.97 -23.40 -41.08
CA ASN E 211 -41.82 -23.18 -42.51
C ASN E 211 -42.73 -22.04 -42.94
N ARG E 212 -42.16 -21.05 -43.61
CA ARG E 212 -42.95 -19.89 -44.03
C ARG E 212 -43.89 -20.23 -45.17
N GLY E 213 -43.51 -21.17 -46.04
CA GLY E 213 -44.37 -21.56 -47.14
C GLY E 213 -45.64 -22.24 -46.67
N GLU E 214 -45.51 -23.18 -45.72
CA GLU E 214 -46.68 -23.89 -45.22
C GLU E 214 -47.53 -22.99 -44.33
N CYS E 215 -46.90 -22.25 -43.43
CA CYS E 215 -47.64 -21.45 -42.46
C CYS E 215 -47.02 -20.06 -42.29
C1 NAG F . -15.71 30.11 19.35
C2 NAG F . -15.79 30.85 20.68
C3 NAG F . -16.34 29.93 21.77
C4 NAG F . -17.65 29.29 21.33
C5 NAG F . -17.49 28.62 19.97
C6 NAG F . -18.78 28.08 19.42
C7 NAG F . -14.24 32.68 21.22
C8 NAG F . -12.84 33.04 21.61
N2 NAG F . -14.49 31.38 21.06
O3 NAG F . -16.53 30.67 22.96
O4 NAG F . -18.03 28.31 22.29
O5 NAG F . -16.99 29.57 19.02
O6 NAG F . -19.40 29.02 18.54
O7 NAG F . -15.11 33.53 21.05
C1 NAG F . -19.30 28.69 22.89
C2 NAG F . -19.95 27.43 23.46
C3 NAG F . -21.27 27.79 24.13
C4 NAG F . -21.06 28.87 25.17
C5 NAG F . -20.35 30.07 24.55
C6 NAG F . -20.00 31.14 25.54
C7 NAG F . -19.31 25.42 22.21
C8 NAG F . -19.68 24.48 21.10
N2 NAG F . -20.15 26.44 22.42
O3 NAG F . -21.80 26.62 24.75
O4 NAG F . -22.31 29.29 25.70
O5 NAG F . -19.12 29.66 23.94
O6 NAG F . -20.44 32.43 25.12
O7 NAG F . -18.29 25.26 22.88
#